data_4ZRK
#
_entry.id   4ZRK
#
_cell.length_a   111.050
_cell.length_b   110.774
_cell.length_c   168.693
_cell.angle_alpha   90.00
_cell.angle_beta   90.00
_cell.angle_gamma   90.00
#
_symmetry.space_group_name_H-M   'P 21 21 21'
#
loop_
_entity.id
_entity.type
_entity.pdbx_description
1 polymer Merlin
2 polymer 'Serine/threonine-protein kinase LATS1'
3 water water
#
loop_
_entity_poly.entity_id
_entity_poly.type
_entity_poly.pdbx_seq_one_letter_code
_entity_poly.pdbx_strand_id
1 'polypeptide(L)'
;GPGSMAGAIASRMSFSSLKRKQPKTFTVRIVTMDAEMEFNCEMKWKGKDLFDLVCRTLGLRETWFFGLQYTIKDTVAWLK
MDKKVLDHDVSKEEPVTFHFLAKFYPENAEEELVQEITQHLFFLQVKKQILDEKVYCPPEASVLLASYAVQAKYGDYDPS
VHKRGFLAQEELLPKRVINLYQMTPEMWEERITAWYAEHRGRARDEAEMEYLKIAQDLEMYGVNYFTIRNKKGTELLLGV
DALGLHIYDPENRLTPKISFPWNEIRNISYSDKEFTIKPLDKKIDVFKFNSSKLRVNKLILQLCIGNHDLFMRRRKADSL
EVQQ
;
A,B,C,D
2 'polypeptide(L)' PKFGTHHKALQEIRNSLLPFANETNSSRSTSE E,F,G,H
#
# COMPACT_ATOMS: atom_id res chain seq x y z
N LYS A 24 -3.23 22.85 56.22
CA LYS A 24 -4.57 22.50 55.79
C LYS A 24 -4.57 21.24 54.92
N THR A 25 -5.57 21.15 54.05
CA THR A 25 -5.73 20.02 53.14
C THR A 25 -5.77 20.61 51.73
N PHE A 26 -5.57 19.77 50.72
CA PHE A 26 -5.81 20.15 49.33
C PHE A 26 -6.62 19.07 48.64
N THR A 27 -7.55 19.49 47.80
CA THR A 27 -8.46 18.54 47.20
C THR A 27 -7.79 17.86 46.00
N VAL A 28 -7.95 16.55 45.86
CA VAL A 28 -7.59 15.89 44.61
C VAL A 28 -8.80 15.19 44.01
N ARG A 29 -8.84 15.17 42.68
CA ARG A 29 -9.83 14.43 41.94
C ARG A 29 -9.15 13.18 41.39
N ILE A 30 -9.77 12.02 41.59
CA ILE A 30 -9.24 10.78 41.06
C ILE A 30 -10.17 10.25 39.97
N VAL A 31 -9.61 10.07 38.79
CA VAL A 31 -10.37 9.58 37.65
C VAL A 31 -10.06 8.11 37.41
N THR A 32 -11.10 7.27 37.46
CA THR A 32 -11.02 5.84 37.05
C THR A 32 -11.72 5.67 35.73
N MET A 33 -11.76 4.45 35.20
CA MET A 33 -12.36 4.24 33.90
C MET A 33 -13.86 4.51 33.85
N ASP A 34 -14.58 4.30 34.95
CA ASP A 34 -16.03 4.55 34.95
C ASP A 34 -16.55 5.51 36.03
N ALA A 35 -15.69 6.05 36.89
CA ALA A 35 -16.15 6.90 37.99
C ALA A 35 -15.17 8.01 38.27
N GLU A 36 -15.59 8.90 39.17
CA GLU A 36 -14.77 10.01 39.62
C GLU A 36 -14.87 10.12 41.15
N MET A 37 -13.73 10.31 41.79
CA MET A 37 -13.60 10.46 43.25
C MET A 37 -12.91 11.76 43.62
N GLU A 38 -13.10 12.22 44.85
CA GLU A 38 -12.46 13.45 45.29
C GLU A 38 -11.97 13.24 46.72
N PHE A 39 -10.70 13.54 46.99
CA PHE A 39 -10.14 13.32 48.34
C PHE A 39 -9.53 14.60 48.87
N ASN A 40 -9.56 14.75 50.20
CA ASN A 40 -8.90 15.84 50.90
C ASN A 40 -7.63 15.34 51.56
N CYS A 41 -6.50 15.78 51.00
CA CYS A 41 -5.19 15.27 51.38
C CYS A 41 -4.43 16.23 52.29
N GLU A 42 -3.84 15.72 53.37
CA GLU A 42 -2.99 16.54 54.22
C GLU A 42 -1.74 16.90 53.41
N MET A 43 -1.20 18.10 53.61
CA MET A 43 -0.14 18.65 52.76
C MET A 43 1.08 17.76 52.71
N LYS A 44 1.23 16.89 53.70
CA LYS A 44 2.40 16.05 53.79
C LYS A 44 2.18 14.66 53.18
N TRP A 45 1.01 14.44 52.56
CA TRP A 45 0.70 13.10 52.03
C TRP A 45 1.66 12.68 50.92
N LYS A 46 2.18 11.47 51.07
CA LYS A 46 3.01 10.85 50.04
C LYS A 46 2.10 10.13 49.04
N GLY A 47 2.67 9.61 47.95
CA GLY A 47 1.90 8.88 46.95
C GLY A 47 1.18 7.67 47.54
N LYS A 48 1.87 6.97 48.44
CA LYS A 48 1.32 5.82 49.13
C LYS A 48 0.03 6.15 49.91
N ASP A 49 -0.01 7.32 50.53
CA ASP A 49 -1.20 7.67 51.29
C ASP A 49 -2.42 7.77 50.39
N LEU A 50 -2.23 8.44 49.26
CA LEU A 50 -3.27 8.67 48.29
C LEU A 50 -3.60 7.37 47.54
N PHE A 51 -2.55 6.63 47.16
CA PHE A 51 -2.75 5.43 46.37
C PHE A 51 -3.46 4.32 47.17
N ASP A 52 -3.00 4.09 48.42
CA ASP A 52 -3.59 3.06 49.30
C ASP A 52 -5.02 3.36 49.63
N LEU A 53 -5.33 4.66 49.75
CA LEU A 53 -6.70 5.13 49.98
C LEU A 53 -7.61 4.90 48.76
N VAL A 54 -7.09 5.17 47.56
CA VAL A 54 -7.89 4.92 46.36
C VAL A 54 -8.18 3.43 46.24
N CYS A 55 -7.17 2.60 46.41
CA CYS A 55 -7.37 1.16 46.25
C CYS A 55 -8.33 0.59 47.30
N ARG A 56 -8.21 1.04 48.54
CA ARG A 56 -9.12 0.59 49.59
C ARG A 56 -10.55 1.00 49.27
N THR A 57 -10.71 2.23 48.80
CA THR A 57 -12.03 2.73 48.42
C THR A 57 -12.64 1.86 47.33
N LEU A 58 -11.81 1.44 46.39
CA LEU A 58 -12.33 0.60 45.31
C LEU A 58 -12.52 -0.87 45.74
N GLY A 59 -11.88 -1.27 46.84
CA GLY A 59 -11.85 -2.66 47.25
C GLY A 59 -10.94 -3.45 46.32
N LEU A 60 -9.93 -2.78 45.78
CA LEU A 60 -9.04 -3.40 44.80
C LEU A 60 -7.82 -3.96 45.52
N ARG A 61 -7.57 -5.26 45.36
CA ARG A 61 -6.51 -5.88 46.12
C ARG A 61 -5.22 -6.10 45.33
N GLU A 62 -5.34 -6.26 44.02
CA GLU A 62 -4.17 -6.46 43.18
C GLU A 62 -3.56 -5.07 42.86
N THR A 63 -3.05 -4.40 43.88
CA THR A 63 -2.67 -3.00 43.73
C THR A 63 -1.42 -2.78 42.86
N TRP A 64 -0.59 -3.83 42.77
CA TRP A 64 0.69 -3.75 42.09
C TRP A 64 0.59 -3.48 40.61
N PHE A 65 -0.59 -3.69 40.02
CA PHE A 65 -0.82 -3.43 38.58
C PHE A 65 -1.11 -1.96 38.30
N PHE A 66 -1.47 -1.23 39.35
CA PHE A 66 -2.05 0.09 39.13
C PHE A 66 -1.20 1.24 39.66
N GLY A 67 -1.58 2.44 39.25
CA GLY A 67 -0.88 3.64 39.68
C GLY A 67 -1.75 4.83 39.44
N LEU A 68 -1.24 5.99 39.86
CA LEU A 68 -1.92 7.26 39.66
C LEU A 68 -1.16 8.09 38.62
N GLN A 69 -1.85 8.43 37.54
CA GLN A 69 -1.17 9.01 36.38
C GLN A 69 -1.56 10.47 36.16
N TYR A 70 -0.60 11.25 35.70
CA TYR A 70 -0.84 12.60 35.24
C TYR A 70 0.09 12.81 34.04
N THR A 71 -0.16 13.83 33.22
CA THR A 71 0.69 14.02 32.05
C THR A 71 1.31 15.43 31.93
N ILE A 72 2.64 15.48 32.00
CA ILE A 72 3.34 16.76 31.91
C ILE A 72 4.04 16.92 30.57
N LYS A 73 3.47 17.80 29.74
CA LYS A 73 4.00 18.11 28.41
C LYS A 73 4.12 16.89 27.51
N ASP A 74 3.00 16.19 27.31
CA ASP A 74 2.94 15.07 26.38
C ASP A 74 3.88 13.92 26.73
N THR A 75 4.09 13.70 28.01
CA THR A 75 4.72 12.48 28.52
C THR A 75 4.02 12.03 29.79
N VAL A 76 3.66 10.75 29.88
CA VAL A 76 3.00 10.29 31.09
C VAL A 76 4.01 10.20 32.25
N ALA A 77 3.52 10.40 33.47
CA ALA A 77 4.30 10.18 34.67
C ALA A 77 3.45 9.48 35.72
N TRP A 78 4.07 8.69 36.57
CA TRP A 78 3.31 8.01 37.61
C TRP A 78 3.68 8.53 39.00
N LEU A 79 2.67 8.68 39.86
CA LEU A 79 2.88 9.08 41.24
C LEU A 79 3.86 8.13 41.94
N LYS A 80 4.91 8.70 42.54
CA LYS A 80 5.90 7.88 43.24
C LYS A 80 5.38 7.68 44.65
N MET A 81 5.53 6.47 45.19
CA MET A 81 4.90 6.16 46.47
C MET A 81 5.56 6.88 47.64
N ASP A 82 6.89 6.94 47.61
CA ASP A 82 7.68 7.42 48.72
C ASP A 82 7.98 8.90 48.58
N LYS A 83 7.15 9.55 47.78
CA LYS A 83 7.30 10.97 47.48
C LYS A 83 6.02 11.74 47.80
N LYS A 84 6.19 12.93 48.37
CA LYS A 84 5.05 13.78 48.70
C LYS A 84 4.27 14.14 47.44
N VAL A 85 2.95 14.09 47.54
CA VAL A 85 2.10 14.32 46.42
C VAL A 85 2.41 15.68 45.77
N LEU A 86 2.68 16.68 46.60
CA LEU A 86 2.91 18.04 46.11
C LEU A 86 4.35 18.31 45.62
N ASP A 87 5.27 17.38 45.86
CA ASP A 87 6.61 17.49 45.30
C ASP A 87 6.66 16.98 43.87
N HIS A 88 5.54 16.43 43.40
CA HIS A 88 5.42 16.02 42.01
C HIS A 88 5.10 17.24 41.17
N ASP A 89 5.56 17.25 39.92
CA ASP A 89 5.32 18.36 39.02
C ASP A 89 3.94 18.31 38.36
N VAL A 90 2.94 17.83 39.09
CA VAL A 90 1.58 17.83 38.56
C VAL A 90 1.09 19.25 38.68
N SER A 91 0.22 19.69 37.77
CA SER A 91 -0.42 20.99 37.89
C SER A 91 -1.15 21.07 39.23
N LYS A 92 -0.82 22.09 40.02
CA LYS A 92 -1.36 22.21 41.38
C LYS A 92 -2.68 22.97 41.47
N GLU A 93 -3.19 23.44 40.34
CA GLU A 93 -4.49 24.11 40.30
C GLU A 93 -5.61 23.15 40.69
N GLU A 94 -6.30 23.45 41.78
CA GLU A 94 -7.37 22.58 42.29
C GLU A 94 -8.50 22.38 41.27
N PRO A 95 -9.01 21.14 41.18
CA PRO A 95 -8.43 20.02 41.95
C PRO A 95 -7.23 19.39 41.26
N VAL A 96 -6.20 19.05 42.03
CA VAL A 96 -5.06 18.33 41.46
C VAL A 96 -5.56 16.95 41.04
N THR A 97 -5.46 16.66 39.75
CA THR A 97 -6.13 15.50 39.15
C THR A 97 -5.17 14.33 38.84
N PHE A 98 -5.56 13.12 39.20
CA PHE A 98 -4.78 11.95 38.83
C PHE A 98 -5.72 10.93 38.19
N HIS A 99 -5.19 10.17 37.24
CA HIS A 99 -5.94 9.12 36.58
C HIS A 99 -5.53 7.74 37.08
N PHE A 100 -6.49 7.00 37.66
CA PHE A 100 -6.19 5.67 38.18
C PHE A 100 -6.22 4.69 37.02
N LEU A 101 -5.09 4.07 36.70
CA LEU A 101 -5.00 3.23 35.52
C LEU A 101 -4.07 2.06 35.76
N ALA A 102 -4.21 0.99 34.99
CA ALA A 102 -3.25 -0.09 35.09
C ALA A 102 -1.93 0.34 34.43
N LYS A 103 -0.85 0.11 35.14
CA LYS A 103 0.47 0.46 34.67
C LYS A 103 1.17 -0.82 34.19
N PHE A 104 0.84 -1.93 34.82
CA PHE A 104 1.39 -3.21 34.43
C PHE A 104 0.27 -4.14 34.11
N TYR A 105 0.58 -5.15 33.32
CA TYR A 105 -0.42 -6.10 32.86
C TYR A 105 0.02 -7.46 33.27
N PRO A 106 -0.94 -8.29 33.70
CA PRO A 106 -0.62 -9.69 34.02
C PRO A 106 -0.32 -10.52 32.77
N GLU A 107 0.43 -11.60 32.98
CA GLU A 107 0.69 -12.57 31.92
C GLU A 107 -0.56 -13.40 31.62
N ASN A 108 -1.39 -13.60 32.62
CA ASN A 108 -2.64 -14.34 32.46
C ASN A 108 -3.74 -13.76 33.30
N ALA A 109 -4.65 -13.10 32.60
CA ALA A 109 -5.71 -12.33 33.22
C ALA A 109 -6.68 -13.17 34.02
N GLU A 110 -6.99 -14.35 33.51
CA GLU A 110 -7.99 -15.20 34.15
C GLU A 110 -7.52 -15.64 35.54
N GLU A 111 -6.20 -15.76 35.69
CA GLU A 111 -5.65 -16.29 36.90
C GLU A 111 -5.20 -15.19 37.88
N GLU A 112 -4.78 -14.03 37.37
CA GLU A 112 -4.17 -13.01 38.22
C GLU A 112 -5.18 -11.92 38.64
N LEU A 113 -6.26 -11.78 37.89
CA LEU A 113 -7.24 -10.78 38.26
C LEU A 113 -8.43 -11.42 38.99
N VAL A 114 -8.41 -11.33 40.32
CA VAL A 114 -9.39 -11.99 41.19
C VAL A 114 -10.56 -11.09 41.59
N GLN A 115 -10.30 -9.90 42.12
CA GLN A 115 -11.40 -9.00 42.47
C GLN A 115 -12.21 -8.58 41.24
N GLU A 116 -13.50 -8.41 41.44
CA GLU A 116 -14.44 -7.99 40.40
C GLU A 116 -14.12 -6.59 39.84
N ILE A 117 -13.76 -5.66 40.71
CA ILE A 117 -13.49 -4.31 40.25
C ILE A 117 -12.20 -4.31 39.42
N THR A 118 -11.25 -5.15 39.79
CA THR A 118 -9.97 -5.24 39.07
C THR A 118 -10.15 -5.70 37.62
N GLN A 119 -10.84 -6.82 37.45
CA GLN A 119 -11.19 -7.33 36.14
C GLN A 119 -11.94 -6.27 35.34
N HIS A 120 -12.84 -5.60 36.02
CA HIS A 120 -13.69 -4.62 35.36
C HIS A 120 -12.90 -3.41 34.86
N LEU A 121 -11.94 -2.93 35.64
CA LEU A 121 -11.19 -1.74 35.24
C LEU A 121 -10.17 -2.07 34.17
N PHE A 122 -9.67 -3.30 34.20
CA PHE A 122 -8.80 -3.76 33.11
C PHE A 122 -9.62 -3.88 31.86
N PHE A 123 -10.80 -4.48 31.98
CA PHE A 123 -11.68 -4.61 30.82
C PHE A 123 -11.86 -3.24 30.16
N LEU A 124 -12.23 -2.24 30.96
CA LEU A 124 -12.50 -0.90 30.40
C LEU A 124 -11.24 -0.24 29.88
N GLN A 125 -10.10 -0.40 30.55
CA GLN A 125 -8.88 0.21 30.04
C GLN A 125 -8.50 -0.48 28.71
N VAL A 126 -8.59 -1.80 28.66
CA VAL A 126 -8.22 -2.46 27.41
C VAL A 126 -9.22 -2.22 26.25
N LYS A 127 -10.53 -2.22 26.52
CA LYS A 127 -11.52 -1.97 25.47
C LYS A 127 -11.33 -0.63 24.78
N LYS A 128 -11.00 0.40 25.56
CA LYS A 128 -10.79 1.73 25.01
C LYS A 128 -9.53 1.76 24.14
N GLN A 129 -8.47 1.06 24.56
CA GLN A 129 -7.26 0.95 23.73
C GLN A 129 -7.55 0.41 22.34
N ILE A 130 -8.46 -0.55 22.30
CA ILE A 130 -8.84 -1.19 21.07
C ILE A 130 -9.74 -0.31 20.16
N LEU A 131 -10.74 0.32 20.75
CA LEU A 131 -11.65 1.20 20.03
C LEU A 131 -10.92 2.46 19.55
N ASP A 132 -9.88 2.86 20.27
CA ASP A 132 -9.08 4.05 19.93
C ASP A 132 -7.92 3.69 19.00
N GLU A 133 -7.82 2.40 18.66
CA GLU A 133 -6.79 1.87 17.75
C GLU A 133 -5.34 2.06 18.26
N LYS A 134 -5.16 2.09 19.57
CA LYS A 134 -3.84 2.04 20.18
C LYS A 134 -3.35 0.60 20.24
N VAL A 135 -4.29 -0.33 20.33
CA VAL A 135 -3.95 -1.73 20.24
C VAL A 135 -4.58 -2.36 19.03
N TYR A 136 -3.76 -2.72 18.06
CA TYR A 136 -4.25 -3.31 16.84
C TYR A 136 -4.98 -4.60 17.12
N CYS A 137 -6.09 -4.83 16.44
CA CYS A 137 -6.71 -6.15 16.44
C CYS A 137 -7.37 -6.42 15.07
N PRO A 138 -7.23 -7.67 14.57
CA PRO A 138 -7.82 -8.06 13.29
C PRO A 138 -9.34 -7.90 13.26
N PRO A 139 -9.93 -7.70 12.07
CA PRO A 139 -11.38 -7.48 11.99
C PRO A 139 -12.18 -8.54 12.76
N GLU A 140 -11.87 -9.83 12.54
CA GLU A 140 -12.65 -10.88 13.15
C GLU A 140 -12.55 -10.86 14.68
N ALA A 141 -11.40 -10.46 15.22
CA ALA A 141 -11.24 -10.34 16.67
C ALA A 141 -12.12 -9.21 17.22
N SER A 142 -12.20 -8.09 16.51
CA SER A 142 -13.02 -6.97 16.93
C SER A 142 -14.51 -7.33 16.96
N VAL A 143 -14.98 -8.20 16.08
CA VAL A 143 -16.37 -8.61 16.10
C VAL A 143 -16.63 -9.48 17.29
N LEU A 144 -15.73 -10.42 17.55
CA LEU A 144 -15.92 -11.33 18.67
C LEU A 144 -15.83 -10.54 20.01
N LEU A 145 -14.87 -9.63 20.10
CA LEU A 145 -14.71 -8.77 21.29
C LEU A 145 -15.97 -7.92 21.51
N ALA A 146 -16.48 -7.29 20.46
CA ALA A 146 -17.73 -6.52 20.57
C ALA A 146 -18.85 -7.35 21.17
N SER A 147 -18.99 -8.61 20.74
CA SER A 147 -20.11 -9.41 21.21
C SER A 147 -20.04 -9.67 22.70
N TYR A 148 -18.84 -9.82 23.23
CA TYR A 148 -18.70 -10.01 24.68
C TYR A 148 -18.93 -8.68 25.40
N ALA A 149 -18.53 -7.58 24.77
CA ALA A 149 -18.73 -6.25 25.33
C ALA A 149 -20.21 -5.96 25.45
N VAL A 150 -20.99 -6.32 24.44
CA VAL A 150 -22.41 -6.02 24.56
C VAL A 150 -23.05 -6.98 25.56
N GLN A 151 -22.55 -8.21 25.63
CA GLN A 151 -23.09 -9.16 26.60
C GLN A 151 -22.91 -8.70 28.05
N ALA A 152 -21.81 -8.00 28.30
CA ALA A 152 -21.45 -7.55 29.63
C ALA A 152 -22.31 -6.38 30.05
N LYS A 153 -22.68 -5.55 29.09
CA LYS A 153 -23.43 -4.33 29.36
C LYS A 153 -24.92 -4.57 29.38
N TYR A 154 -25.42 -5.38 28.44
CA TYR A 154 -26.86 -5.58 28.29
C TYR A 154 -27.38 -6.88 28.92
N GLY A 155 -26.49 -7.71 29.46
CA GLY A 155 -26.89 -9.03 29.94
C GLY A 155 -27.29 -9.95 28.80
N ASP A 156 -27.95 -11.06 29.11
CA ASP A 156 -28.39 -11.98 28.07
C ASP A 156 -29.23 -11.31 26.99
N TYR A 157 -29.23 -11.95 25.83
CA TYR A 157 -29.99 -11.49 24.66
C TYR A 157 -31.49 -11.78 24.84
N ASP A 158 -32.32 -10.83 24.45
CA ASP A 158 -33.76 -11.03 24.41
C ASP A 158 -34.35 -10.19 23.28
N PRO A 159 -34.68 -10.85 22.14
CA PRO A 159 -35.11 -10.25 20.87
C PRO A 159 -36.37 -9.38 20.97
N SER A 160 -37.17 -9.59 22.01
CA SER A 160 -38.38 -8.83 22.24
C SER A 160 -38.11 -7.48 22.95
N VAL A 161 -36.96 -7.41 23.63
CA VAL A 161 -36.53 -6.18 24.30
C VAL A 161 -35.47 -5.43 23.49
N HIS A 162 -34.44 -6.15 23.05
CA HIS A 162 -33.37 -5.54 22.26
C HIS A 162 -33.76 -5.62 20.80
N LYS A 163 -34.64 -4.72 20.36
CA LYS A 163 -35.13 -4.78 19.00
C LYS A 163 -34.06 -4.27 18.04
N ARG A 164 -34.22 -4.62 16.77
CA ARG A 164 -33.29 -4.22 15.73
C ARG A 164 -33.03 -2.70 15.85
N GLY A 165 -31.75 -2.32 15.80
CA GLY A 165 -31.36 -0.93 15.90
C GLY A 165 -30.98 -0.47 17.30
N PHE A 166 -30.99 -1.38 18.27
CA PHE A 166 -30.67 -1.01 19.66
C PHE A 166 -29.17 -0.77 19.91
N LEU A 167 -28.32 -1.16 18.95
CA LEU A 167 -26.89 -0.91 19.07
C LEU A 167 -26.44 0.16 18.08
N ALA A 168 -27.40 0.91 17.56
CA ALA A 168 -27.19 1.85 16.45
C ALA A 168 -26.19 2.95 16.78
N GLN A 169 -26.26 3.44 18.01
CA GLN A 169 -25.38 4.48 18.51
C GLN A 169 -24.50 4.00 19.69
N GLU A 170 -24.02 2.75 19.64
CA GLU A 170 -23.22 2.21 20.75
C GLU A 170 -21.67 2.07 20.64
N GLU A 171 -21.06 2.34 19.49
CA GLU A 171 -19.59 2.19 19.33
C GLU A 171 -19.04 0.83 19.75
N LEU A 172 -18.97 -0.08 18.80
CA LEU A 172 -18.55 -1.44 19.11
C LEU A 172 -17.25 -1.88 18.46
N LEU A 173 -16.87 -1.19 17.38
CA LEU A 173 -15.73 -1.56 16.53
C LEU A 173 -14.79 -0.39 16.32
N PRO A 174 -13.49 -0.67 16.16
CA PRO A 174 -12.53 0.35 15.76
C PRO A 174 -12.89 0.89 14.37
N LYS A 175 -12.70 2.18 14.12
CA LYS A 175 -13.02 2.74 12.82
C LYS A 175 -12.21 2.02 11.72
N ARG A 176 -11.06 1.51 12.11
CA ARG A 176 -10.19 0.79 11.20
CA ARG A 176 -10.19 0.80 11.19
C ARG A 176 -10.91 -0.39 10.53
N VAL A 177 -11.66 -1.18 11.30
CA VAL A 177 -12.19 -2.40 10.68
C VAL A 177 -13.40 -2.11 9.80
N ILE A 178 -14.17 -1.07 10.12
CA ILE A 178 -15.33 -0.76 9.32
C ILE A 178 -14.90 -0.11 8.00
N ASN A 179 -13.71 0.47 7.96
CA ASN A 179 -13.17 0.97 6.71
C ASN A 179 -12.43 -0.07 5.90
N LEU A 180 -12.65 -1.35 6.23
CA LEU A 180 -12.04 -2.45 5.49
C LEU A 180 -13.08 -3.28 4.70
N TYR A 181 -14.35 -3.02 4.94
CA TYR A 181 -15.41 -3.84 4.38
C TYR A 181 -16.51 -3.03 3.71
N GLN A 182 -17.11 -3.60 2.66
CA GLN A 182 -18.30 -3.00 2.10
C GLN A 182 -19.46 -3.49 2.97
N MET A 183 -19.65 -2.83 4.11
CA MET A 183 -20.71 -3.21 5.05
C MET A 183 -21.36 -2.01 5.72
N THR A 184 -22.68 -2.03 5.79
CA THR A 184 -23.43 -0.98 6.44
C THR A 184 -23.44 -1.22 7.94
N PRO A 185 -23.71 -0.17 8.72
CA PRO A 185 -23.85 -0.30 10.16
C PRO A 185 -24.88 -1.38 10.58
N GLU A 186 -26.01 -1.48 9.87
CA GLU A 186 -27.01 -2.50 10.22
C GLU A 186 -26.46 -3.89 10.02
N MET A 187 -25.62 -4.07 9.00
CA MET A 187 -24.97 -5.36 8.76
C MET A 187 -24.01 -5.70 9.91
N TRP A 188 -23.23 -4.73 10.35
CA TRP A 188 -22.39 -4.93 11.54
C TRP A 188 -23.22 -5.29 12.76
N GLU A 189 -24.31 -4.56 12.94
CA GLU A 189 -25.13 -4.73 14.14
C GLU A 189 -25.84 -6.05 14.14
N GLU A 190 -26.18 -6.51 12.94
CA GLU A 190 -26.82 -7.81 12.78
C GLU A 190 -25.82 -8.91 13.11
N ARG A 191 -24.59 -8.74 12.61
CA ARG A 191 -23.52 -9.72 12.81
C ARG A 191 -23.09 -9.85 14.28
N ILE A 192 -22.92 -8.71 14.96
CA ILE A 192 -22.56 -8.68 16.38
C ILE A 192 -23.65 -9.27 17.28
N THR A 193 -24.91 -8.99 16.92
CA THR A 193 -26.07 -9.48 17.66
C THR A 193 -26.13 -11.01 17.61
N ALA A 194 -25.80 -11.61 16.47
CA ALA A 194 -25.80 -13.07 16.37
C ALA A 194 -24.77 -13.67 17.31
N TRP A 195 -23.57 -13.08 17.30
CA TRP A 195 -22.53 -13.53 18.19
C TRP A 195 -22.91 -13.17 19.61
N TYR A 196 -23.53 -12.03 19.80
CA TYR A 196 -24.08 -11.70 21.13
C TYR A 196 -24.99 -12.79 21.69
N ALA A 197 -25.91 -13.29 20.87
CA ALA A 197 -26.88 -14.30 21.29
C ALA A 197 -26.22 -15.60 21.73
N GLU A 198 -25.00 -15.79 21.26
CA GLU A 198 -24.25 -17.01 21.53
C GLU A 198 -23.69 -17.05 22.94
N HIS A 199 -23.81 -15.94 23.65
CA HIS A 199 -23.25 -15.79 24.99
C HIS A 199 -24.31 -15.79 26.07
N ARG A 200 -25.45 -16.42 25.82
CA ARG A 200 -26.53 -16.44 26.80
C ARG A 200 -26.08 -17.27 27.99
N GLY A 201 -26.31 -16.75 29.19
CA GLY A 201 -25.95 -17.45 30.41
C GLY A 201 -24.69 -16.89 31.05
N ARG A 202 -23.93 -16.12 30.29
CA ARG A 202 -22.67 -15.56 30.77
C ARG A 202 -22.93 -14.29 31.57
N ALA A 203 -22.49 -14.32 32.81
CA ALA A 203 -22.59 -13.17 33.70
C ALA A 203 -21.66 -12.03 33.24
N ARG A 204 -21.87 -10.84 33.82
CA ARG A 204 -21.07 -9.67 33.49
C ARG A 204 -19.59 -9.97 33.54
N ASP A 205 -19.14 -10.41 34.71
CA ASP A 205 -17.72 -10.66 34.95
C ASP A 205 -17.20 -11.72 33.99
N GLU A 206 -18.01 -12.74 33.71
CA GLU A 206 -17.61 -13.81 32.79
C GLU A 206 -17.39 -13.29 31.38
N ALA A 207 -18.23 -12.35 30.92
CA ALA A 207 -18.09 -11.82 29.56
C ALA A 207 -16.87 -10.92 29.48
N GLU A 208 -16.69 -10.09 30.50
CA GLU A 208 -15.53 -9.21 30.58
C GLU A 208 -14.22 -10.01 30.66
N MET A 209 -14.22 -11.14 31.38
CA MET A 209 -13.01 -11.97 31.41
C MET A 209 -12.76 -12.58 30.02
N GLU A 210 -13.84 -12.99 29.33
CA GLU A 210 -13.69 -13.56 28.00
C GLU A 210 -13.10 -12.53 27.03
N TYR A 211 -13.59 -11.31 27.12
CA TYR A 211 -13.05 -10.20 26.36
C TYR A 211 -11.53 -10.08 26.60
N LEU A 212 -11.14 -10.15 27.87
CA LEU A 212 -9.74 -10.01 28.25
C LEU A 212 -8.89 -11.16 27.75
N LYS A 213 -9.43 -12.38 27.73
CA LYS A 213 -8.68 -13.52 27.21
C LYS A 213 -8.38 -13.42 25.74
N ILE A 214 -9.26 -12.77 25.00
CA ILE A 214 -9.02 -12.59 23.59
C ILE A 214 -8.03 -11.44 23.43
N ALA A 215 -8.27 -10.36 24.14
CA ALA A 215 -7.44 -9.19 23.98
C ALA A 215 -6.01 -9.42 24.39
N GLN A 216 -5.78 -10.28 25.38
CA GLN A 216 -4.43 -10.49 25.91
C GLN A 216 -3.52 -11.22 24.92
N ASP A 217 -4.09 -11.90 23.93
CA ASP A 217 -3.27 -12.60 22.92
C ASP A 217 -2.89 -11.70 21.73
N LEU A 218 -3.47 -10.51 21.66
CA LEU A 218 -3.12 -9.55 20.62
C LEU A 218 -1.65 -9.13 20.76
N GLU A 219 -0.98 -8.87 19.65
CA GLU A 219 0.46 -8.59 19.65
C GLU A 219 0.87 -7.30 20.36
N MET A 220 0.01 -6.28 20.29
CA MET A 220 0.36 -5.00 20.86
C MET A 220 -0.17 -4.88 22.28
N TYR A 221 -0.88 -5.90 22.77
CA TYR A 221 -1.43 -5.89 24.14
C TYR A 221 -0.34 -5.79 25.19
N GLY A 222 -0.50 -4.80 26.07
CA GLY A 222 0.28 -4.64 27.27
C GLY A 222 1.68 -4.15 26.98
N VAL A 223 1.98 -3.72 25.75
CA VAL A 223 3.36 -3.30 25.54
C VAL A 223 3.46 -1.79 25.42
N ASN A 224 4.44 -1.25 26.14
CA ASN A 224 4.80 0.16 26.12
C ASN A 224 5.88 0.44 25.09
N TYR A 225 5.57 1.32 24.16
CA TYR A 225 6.46 1.63 23.06
C TYR A 225 7.19 2.95 23.26
N PHE A 226 8.48 2.96 22.92
CA PHE A 226 9.30 4.18 22.99
C PHE A 226 10.17 4.23 21.73
N THR A 227 10.26 5.41 21.14
CA THR A 227 11.09 5.59 19.94
C THR A 227 12.56 5.68 20.36
N ILE A 228 13.44 4.94 19.69
CA ILE A 228 14.85 4.94 20.04
C ILE A 228 15.73 4.93 18.79
N ARG A 229 17.04 4.98 19.00
CA ARG A 229 18.02 4.79 17.91
C ARG A 229 19.14 3.84 18.32
N ASN A 230 19.50 2.89 17.43
CA ASN A 230 20.66 2.04 17.72
C ASN A 230 21.93 2.83 17.40
N LYS A 231 23.09 2.30 17.74
CA LYS A 231 24.33 3.08 17.67
C LYS A 231 24.70 3.51 16.25
N LYS A 232 24.22 2.75 15.27
CA LYS A 232 24.47 3.07 13.88
C LYS A 232 23.60 4.26 13.44
N GLY A 233 22.74 4.74 14.33
CA GLY A 233 21.88 5.89 14.08
C GLY A 233 20.50 5.59 13.53
N THR A 234 20.20 4.32 13.35
CA THR A 234 18.93 3.88 12.80
C THR A 234 17.79 4.03 13.85
N GLU A 235 16.70 4.66 13.43
CA GLU A 235 15.55 4.88 14.32
C GLU A 235 14.77 3.59 14.59
N LEU A 236 14.51 3.33 15.85
CA LEU A 236 13.81 2.11 16.20
C LEU A 236 12.76 2.29 17.30
N LEU A 237 12.02 1.22 17.56
CA LEU A 237 11.10 1.22 18.68
C LEU A 237 11.55 0.23 19.76
N LEU A 238 11.49 0.69 21.02
CA LEU A 238 11.65 -0.16 22.20
C LEU A 238 10.25 -0.55 22.70
N GLY A 239 10.04 -1.84 22.95
CA GLY A 239 8.81 -2.29 23.55
C GLY A 239 9.12 -2.84 24.93
N VAL A 240 8.45 -2.34 25.95
CA VAL A 240 8.61 -2.84 27.32
C VAL A 240 7.29 -3.47 27.75
N ASP A 241 7.27 -4.78 27.98
CA ASP A 241 6.04 -5.42 28.44
C ASP A 241 6.34 -6.45 29.51
N ALA A 242 5.36 -7.26 29.87
CA ALA A 242 5.47 -8.18 31.01
C ALA A 242 6.45 -9.33 30.80
N LEU A 243 6.75 -9.63 29.54
CA LEU A 243 7.56 -10.80 29.21
C LEU A 243 9.01 -10.42 28.95
N GLY A 244 9.24 -9.16 28.58
CA GLY A 244 10.61 -8.72 28.33
C GLY A 244 10.77 -7.38 27.64
N LEU A 245 11.95 -7.19 27.08
CA LEU A 245 12.23 -6.04 26.25
C LEU A 245 12.21 -6.48 24.80
N HIS A 246 11.73 -5.59 23.92
CA HIS A 246 11.57 -5.93 22.52
C HIS A 246 12.03 -4.76 21.70
N ILE A 247 12.60 -5.06 20.53
CA ILE A 247 13.08 -4.09 19.56
C ILE A 247 12.31 -4.23 18.26
N TYR A 248 11.66 -3.16 17.81
CA TYR A 248 10.84 -3.24 16.60
C TYR A 248 11.36 -2.30 15.54
N ASP A 249 11.16 -2.67 14.31
CA ASP A 249 11.22 -1.70 13.24
C ASP A 249 9.97 -0.82 13.36
N PRO A 250 10.17 0.50 13.25
CA PRO A 250 9.12 1.50 13.52
C PRO A 250 7.82 1.27 12.74
N GLU A 251 7.89 0.62 11.59
CA GLU A 251 6.69 0.36 10.80
C GLU A 251 6.01 -0.96 11.13
N ASN A 252 6.54 -1.68 12.11
CA ASN A 252 5.93 -2.94 12.48
C ASN A 252 5.93 -3.11 13.98
N ARG A 253 4.84 -2.68 14.61
CA ARG A 253 4.70 -2.76 16.07
C ARG A 253 4.19 -4.13 16.50
N LEU A 254 3.92 -5.00 15.52
CA LEU A 254 3.29 -6.29 15.80
C LEU A 254 4.26 -7.41 16.12
N THR A 255 5.38 -7.40 15.42
CA THR A 255 6.37 -8.47 15.46
C THR A 255 7.77 -7.89 15.64
N PRO A 256 8.38 -8.12 16.82
CA PRO A 256 9.72 -7.60 17.11
C PRO A 256 10.82 -8.28 16.27
N LYS A 257 11.87 -7.53 15.97
CA LYS A 257 13.03 -8.11 15.31
C LYS A 257 13.89 -8.88 16.34
N ILE A 258 14.02 -8.30 17.53
CA ILE A 258 14.76 -8.86 18.64
C ILE A 258 13.95 -8.83 19.93
N SER A 259 13.96 -9.93 20.68
CA SER A 259 13.34 -9.97 22.02
C SER A 259 14.35 -10.41 23.10
N PHE A 260 14.24 -9.77 24.27
CA PHE A 260 15.03 -10.14 25.44
C PHE A 260 14.08 -10.48 26.58
N PRO A 261 13.77 -11.77 26.77
CA PRO A 261 12.96 -12.11 27.96
C PRO A 261 13.59 -11.67 29.28
N TRP A 262 12.75 -11.33 30.27
CA TRP A 262 13.24 -10.77 31.54
C TRP A 262 14.18 -11.73 32.27
N ASN A 263 14.05 -13.04 32.03
CA ASN A 263 14.93 -13.99 32.72
C ASN A 263 16.26 -14.21 31.98
N GLU A 264 16.33 -13.74 30.74
CA GLU A 264 17.55 -13.87 29.96
C GLU A 264 18.31 -12.56 29.95
N ILE A 265 17.95 -11.67 30.87
CA ILE A 265 18.58 -10.36 30.98
C ILE A 265 19.36 -10.27 32.29
N ARG A 266 20.62 -9.83 32.22
CA ARG A 266 21.43 -9.67 33.42
C ARG A 266 21.21 -8.29 34.04
N ASN A 267 21.27 -7.26 33.22
CA ASN A 267 21.06 -5.89 33.69
C ASN A 267 20.76 -4.93 32.56
N ILE A 268 20.14 -3.83 32.93
CA ILE A 268 19.89 -2.69 32.07
C ILE A 268 20.54 -1.50 32.72
N SER A 269 21.57 -0.93 32.09
CA SER A 269 22.22 0.22 32.68
C SER A 269 21.77 1.45 31.91
N TYR A 270 21.67 2.58 32.59
CA TYR A 270 21.33 3.83 31.95
C TYR A 270 22.34 4.93 32.24
N SER A 271 22.81 5.63 31.20
CA SER A 271 23.67 6.80 31.41
C SER A 271 23.46 7.89 30.36
N ASP A 272 23.25 9.12 30.83
CA ASP A 272 23.01 10.27 29.94
C ASP A 272 21.79 9.95 29.09
N LYS A 273 22.00 9.77 27.80
CA LYS A 273 20.94 9.30 26.92
C LYS A 273 21.17 7.91 26.33
N GLU A 274 21.93 7.05 27.02
CA GLU A 274 22.29 5.74 26.46
C GLU A 274 21.88 4.58 27.37
N PHE A 275 21.13 3.64 26.82
CA PHE A 275 20.78 2.40 27.50
C PHE A 275 21.65 1.27 27.01
N THR A 276 21.95 0.32 27.88
CA THR A 276 22.60 -0.90 27.42
C THR A 276 21.88 -2.11 28.00
N ILE A 277 21.45 -3.01 27.12
CA ILE A 277 20.84 -4.26 27.54
C ILE A 277 21.89 -5.35 27.59
N LYS A 278 22.16 -5.85 28.78
CA LYS A 278 23.18 -6.86 28.91
C LYS A 278 22.56 -8.24 29.16
N PRO A 279 22.73 -9.15 28.20
CA PRO A 279 22.15 -10.49 28.30
C PRO A 279 22.86 -11.31 29.37
N LEU A 280 22.17 -12.27 29.97
CA LEU A 280 22.85 -13.18 30.89
C LEU A 280 23.88 -14.00 30.12
N ASP A 281 23.66 -14.19 28.84
CA ASP A 281 24.54 -15.01 28.04
C ASP A 281 25.67 -14.11 27.50
N LYS A 282 26.82 -14.13 28.18
CA LYS A 282 27.90 -13.17 27.95
C LYS A 282 28.45 -13.18 26.54
N LYS A 283 28.27 -14.28 25.83
CA LYS A 283 28.75 -14.35 24.46
C LYS A 283 27.80 -13.59 23.55
N ILE A 284 26.57 -13.39 24.01
CA ILE A 284 25.60 -12.68 23.19
C ILE A 284 25.96 -11.21 23.34
N ASP A 285 26.08 -10.52 22.21
CA ASP A 285 26.46 -9.11 22.18
C ASP A 285 25.50 -8.26 23.01
N VAL A 286 25.99 -7.10 23.43
CA VAL A 286 25.20 -6.20 24.23
C VAL A 286 24.41 -5.32 23.24
N PHE A 287 23.26 -4.83 23.67
CA PHE A 287 22.48 -3.97 22.82
C PHE A 287 22.33 -2.60 23.48
N LYS A 288 22.89 -1.60 22.83
CA LYS A 288 22.81 -0.25 23.35
C LYS A 288 21.91 0.58 22.44
N PHE A 289 21.25 1.58 23.02
CA PHE A 289 20.45 2.48 22.21
C PHE A 289 20.31 3.83 22.90
N ASN A 290 19.95 4.84 22.11
CA ASN A 290 19.78 6.18 22.66
C ASN A 290 18.32 6.62 22.67
N SER A 291 17.97 7.43 23.68
CA SER A 291 16.70 8.12 23.79
C SER A 291 16.98 9.51 24.36
N SER A 292 16.43 10.54 23.72
CA SER A 292 16.82 11.92 23.99
C SER A 292 16.10 12.49 25.22
N LYS A 293 14.78 12.29 25.28
CA LYS A 293 14.01 12.86 26.37
C LYS A 293 14.26 12.11 27.69
N LEU A 294 14.80 12.80 28.69
CA LEU A 294 15.12 12.21 29.99
C LEU A 294 13.91 11.86 30.86
N ARG A 295 12.81 12.60 30.71
CA ARG A 295 11.58 12.25 31.39
C ARG A 295 11.11 10.87 30.90
N VAL A 296 11.21 10.66 29.60
CA VAL A 296 10.82 9.40 29.00
C VAL A 296 11.72 8.26 29.48
N ASN A 297 13.03 8.53 29.62
CA ASN A 297 13.99 7.52 30.08
C ASN A 297 13.78 7.12 31.51
N LYS A 298 13.30 8.04 32.31
CA LYS A 298 12.98 7.66 33.67
C LYS A 298 11.79 6.70 33.63
N LEU A 299 10.80 7.02 32.81
CA LEU A 299 9.60 6.17 32.71
C LEU A 299 9.94 4.76 32.28
N ILE A 300 10.80 4.66 31.25
CA ILE A 300 11.23 3.37 30.70
C ILE A 300 11.83 2.49 31.77
N LEU A 301 12.65 3.08 32.63
CA LEU A 301 13.31 2.33 33.71
C LEU A 301 12.32 1.80 34.75
N GLN A 302 11.39 2.65 35.19
CA GLN A 302 10.31 2.21 36.09
C GLN A 302 9.62 1.02 35.47
N LEU A 303 9.28 1.13 34.17
CA LEU A 303 8.54 0.07 33.49
C LEU A 303 9.43 -1.18 33.36
N CYS A 304 10.72 -0.99 33.16
CA CYS A 304 11.61 -2.14 33.12
C CYS A 304 11.67 -2.75 34.52
N ILE A 305 11.88 -1.91 35.54
CA ILE A 305 12.02 -2.37 36.91
C ILE A 305 10.77 -3.08 37.42
N GLY A 306 9.63 -2.43 37.29
CA GLY A 306 8.37 -3.01 37.72
C GLY A 306 7.99 -4.29 37.01
N ASN A 307 8.11 -4.31 35.68
CA ASN A 307 7.74 -5.51 34.93
C ASN A 307 8.68 -6.65 35.30
N HIS A 308 9.96 -6.36 35.42
CA HIS A 308 10.91 -7.38 35.83
C HIS A 308 10.58 -7.97 37.19
N ASP A 309 10.21 -7.12 38.14
CA ASP A 309 9.86 -7.59 39.49
C ASP A 309 8.68 -8.55 39.51
N LEU A 310 7.59 -8.19 38.81
CA LEU A 310 6.39 -8.99 38.76
C LEU A 310 6.66 -10.29 38.01
N PHE A 311 7.52 -10.23 37.00
CA PHE A 311 7.87 -11.41 36.22
C PHE A 311 8.55 -12.45 37.12
N MET A 312 9.50 -12.00 37.91
CA MET A 312 10.23 -12.92 38.79
C MET A 312 9.34 -13.42 39.93
N ARG A 313 8.55 -12.53 40.51
CA ARG A 313 7.72 -12.88 41.65
C ARG A 313 6.65 -13.87 41.26
N ARG A 314 6.32 -13.91 39.98
CA ARG A 314 5.37 -14.91 39.48
C ARG A 314 6.07 -16.25 39.30
N ARG A 315 7.40 -16.24 39.38
CA ARG A 315 8.18 -17.47 39.19
C ARG A 315 8.93 -17.87 40.45
N PRO B 23 -28.06 12.77 -25.26
CA PRO B 23 -26.92 12.83 -24.33
C PRO B 23 -27.21 12.17 -22.99
N LYS B 24 -26.52 11.07 -22.73
CA LYS B 24 -26.64 10.33 -21.48
C LYS B 24 -25.96 11.12 -20.36
N THR B 25 -26.65 11.33 -19.25
CA THR B 25 -26.11 12.16 -18.19
C THR B 25 -25.97 11.45 -16.84
N PHE B 26 -25.07 11.96 -16.00
CA PHE B 26 -24.98 11.56 -14.59
C PHE B 26 -24.77 12.79 -13.73
N THR B 27 -25.40 12.78 -12.56
CA THR B 27 -25.34 13.94 -11.66
C THR B 27 -24.08 13.98 -10.81
N VAL B 28 -23.47 15.17 -10.71
CA VAL B 28 -22.41 15.40 -9.72
C VAL B 28 -22.83 16.58 -8.85
N ARG B 29 -22.46 16.49 -7.58
CA ARG B 29 -22.66 17.57 -6.63
C ARG B 29 -21.32 18.26 -6.34
N ILE B 30 -21.32 19.59 -6.44
CA ILE B 30 -20.15 20.38 -6.10
C ILE B 30 -20.44 21.20 -4.85
N VAL B 31 -19.67 20.99 -3.79
CA VAL B 31 -19.86 21.72 -2.55
C VAL B 31 -18.81 22.82 -2.42
N THR B 32 -19.22 24.07 -2.26
CA THR B 32 -18.22 25.13 -1.98
C THR B 32 -18.24 25.49 -0.50
N MET B 33 -17.39 26.41 -0.06
CA MET B 33 -17.28 26.77 1.37
C MET B 33 -18.60 27.36 1.88
N ASP B 34 -19.37 28.00 0.99
CA ASP B 34 -20.64 28.58 1.39
C ASP B 34 -21.86 28.14 0.57
N ALA B 35 -21.68 27.28 -0.44
CA ALA B 35 -22.78 26.91 -1.28
C ALA B 35 -22.68 25.49 -1.83
N GLU B 36 -23.75 25.07 -2.52
CA GLU B 36 -23.85 23.76 -3.14
C GLU B 36 -24.38 23.92 -4.55
N MET B 37 -23.80 23.17 -5.48
CA MET B 37 -24.20 23.20 -6.89
C MET B 37 -24.55 21.80 -7.38
N GLU B 38 -25.28 21.73 -8.47
CA GLU B 38 -25.69 20.45 -9.05
C GLU B 38 -25.49 20.51 -10.57
N PHE B 39 -24.77 19.57 -11.14
CA PHE B 39 -24.53 19.62 -12.57
C PHE B 39 -24.84 18.24 -13.20
N ASN B 40 -25.29 18.26 -14.44
CA ASN B 40 -25.53 17.05 -15.21
C ASN B 40 -24.43 16.84 -16.23
N CYS B 41 -23.60 15.84 -15.99
CA CYS B 41 -22.38 15.69 -16.78
C CYS B 41 -22.53 14.59 -17.80
N GLU B 42 -22.14 14.90 -19.03
CA GLU B 42 -22.11 13.91 -20.09
C GLU B 42 -21.08 12.87 -19.70
N MET B 43 -21.35 11.62 -20.04
CA MET B 43 -20.53 10.51 -19.60
C MET B 43 -19.06 10.62 -20.00
N LYS B 44 -18.77 11.41 -21.03
CA LYS B 44 -17.41 11.54 -21.54
C LYS B 44 -16.68 12.78 -21.03
N TRP B 45 -17.33 13.57 -20.17
CA TRP B 45 -16.74 14.83 -19.68
C TRP B 45 -15.43 14.59 -18.94
N LYS B 46 -14.42 15.40 -19.26
CA LYS B 46 -13.15 15.38 -18.54
C LYS B 46 -13.15 16.29 -17.30
N GLY B 47 -12.04 16.28 -16.55
CA GLY B 47 -11.93 17.12 -15.36
C GLY B 47 -12.11 18.57 -15.74
N LYS B 48 -11.51 18.96 -16.86
CA LYS B 48 -11.62 20.29 -17.43
C LYS B 48 -13.07 20.75 -17.65
N ASP B 49 -13.91 19.88 -18.22
CA ASP B 49 -15.29 20.28 -18.50
C ASP B 49 -16.06 20.67 -17.27
N LEU B 50 -15.95 19.86 -16.22
CA LEU B 50 -16.67 20.15 -15.01
C LEU B 50 -16.09 21.36 -14.29
N PHE B 51 -14.77 21.44 -14.25
CA PHE B 51 -14.09 22.47 -13.50
C PHE B 51 -14.33 23.86 -14.09
N ASP B 52 -14.13 24.01 -15.39
CA ASP B 52 -14.36 25.32 -16.03
C ASP B 52 -15.79 25.79 -15.86
N LEU B 53 -16.72 24.84 -15.87
CA LEU B 53 -18.13 25.15 -15.70
C LEU B 53 -18.36 25.61 -14.27
N VAL B 54 -17.76 24.94 -13.29
CA VAL B 54 -17.91 25.39 -11.90
C VAL B 54 -17.34 26.79 -11.71
N CYS B 55 -16.16 27.07 -12.25
CA CYS B 55 -15.57 28.41 -12.11
C CYS B 55 -16.42 29.47 -12.82
N ARG B 56 -16.92 29.16 -14.01
CA ARG B 56 -17.78 30.12 -14.73
C ARG B 56 -19.07 30.45 -13.97
N THR B 57 -19.76 29.45 -13.39
CA THR B 57 -21.00 29.81 -12.67
C THR B 57 -20.67 30.69 -11.46
N LEU B 58 -19.49 30.51 -10.86
CA LEU B 58 -19.06 31.35 -9.72
C LEU B 58 -18.58 32.72 -10.13
N GLY B 59 -18.24 32.90 -11.41
CA GLY B 59 -17.57 34.11 -11.87
C GLY B 59 -16.12 34.21 -11.39
N LEU B 60 -15.47 33.05 -11.21
CA LEU B 60 -14.11 32.98 -10.66
C LEU B 60 -13.08 32.93 -11.80
N ARG B 61 -12.12 33.85 -11.77
CA ARG B 61 -11.12 33.98 -12.82
C ARG B 61 -9.76 33.41 -12.46
N GLU B 62 -9.42 33.47 -11.17
CA GLU B 62 -8.13 32.99 -10.71
C GLU B 62 -8.27 31.50 -10.52
N THR B 63 -8.53 30.82 -11.62
CA THR B 63 -8.89 29.41 -11.55
C THR B 63 -7.70 28.58 -11.18
N TRP B 64 -6.50 29.11 -11.43
CA TRP B 64 -5.33 28.28 -11.25
C TRP B 64 -5.10 27.92 -9.76
N PHE B 65 -5.72 28.65 -8.83
CA PHE B 65 -5.57 28.35 -7.40
C PHE B 65 -6.45 27.21 -6.95
N PHE B 66 -7.45 26.88 -7.75
CA PHE B 66 -8.49 26.03 -7.21
C PHE B 66 -8.50 24.65 -7.82
N GLY B 67 -9.26 23.75 -7.19
CA GLY B 67 -9.38 22.41 -7.70
C GLY B 67 -10.66 21.82 -7.18
N LEU B 68 -10.99 20.63 -7.70
CA LEU B 68 -12.15 19.88 -7.25
C LEU B 68 -11.64 18.66 -6.49
N GLN B 69 -12.04 18.57 -5.23
CA GLN B 69 -11.44 17.61 -4.32
C GLN B 69 -12.43 16.54 -3.85
N TYR B 70 -11.94 15.31 -3.73
CA TYR B 70 -12.66 14.20 -3.11
C TYR B 70 -11.68 13.34 -2.30
N THR B 71 -12.22 12.53 -1.40
CA THR B 71 -11.39 11.74 -0.51
C THR B 71 -11.60 10.24 -0.70
N ILE B 72 -10.66 9.63 -1.43
CA ILE B 72 -10.59 8.19 -1.61
C ILE B 72 -9.65 7.60 -0.57
N LYS B 73 -10.09 6.53 0.09
CA LYS B 73 -9.34 5.92 1.20
C LYS B 73 -9.10 6.96 2.30
N ASP B 74 -7.84 7.27 2.58
CA ASP B 74 -7.51 8.28 3.59
C ASP B 74 -6.86 9.53 2.98
N THR B 75 -6.55 9.47 1.69
CA THR B 75 -5.79 10.52 1.02
C THR B 75 -6.70 11.37 0.12
N VAL B 76 -6.55 12.69 0.19
CA VAL B 76 -7.31 13.53 -0.70
C VAL B 76 -6.75 13.38 -2.09
N ALA B 77 -7.60 13.55 -3.08
CA ALA B 77 -7.19 13.60 -4.47
C ALA B 77 -7.95 14.74 -5.13
N TRP B 78 -7.35 15.26 -6.19
CA TRP B 78 -7.93 16.32 -6.97
C TRP B 78 -8.31 15.84 -8.36
N LEU B 79 -9.42 16.34 -8.88
CA LEU B 79 -9.82 16.06 -10.25
C LEU B 79 -8.74 16.44 -11.27
N LYS B 80 -8.40 15.52 -12.18
CA LYS B 80 -7.43 15.83 -13.24
C LYS B 80 -8.10 16.41 -14.49
N MET B 81 -7.45 17.41 -15.08
CA MET B 81 -8.11 18.13 -16.16
C MET B 81 -8.25 17.34 -17.48
N ASP B 82 -7.22 16.60 -17.88
CA ASP B 82 -7.29 15.93 -19.17
C ASP B 82 -7.73 14.47 -19.03
N LYS B 83 -8.41 14.17 -17.93
CA LYS B 83 -8.83 12.80 -17.63
C LYS B 83 -10.34 12.75 -17.37
N LYS B 84 -11.01 11.74 -17.92
CA LYS B 84 -12.46 11.58 -17.77
C LYS B 84 -12.88 11.42 -16.32
N VAL B 85 -13.92 12.14 -15.94
CA VAL B 85 -14.40 12.18 -14.56
C VAL B 85 -14.72 10.79 -13.99
N LEU B 86 -15.34 9.95 -14.80
CA LEU B 86 -15.77 8.63 -14.35
C LEU B 86 -14.59 7.64 -14.36
N ASP B 87 -13.45 8.08 -14.92
CA ASP B 87 -12.22 7.32 -14.82
C ASP B 87 -11.50 7.57 -13.48
N HIS B 88 -11.98 8.53 -12.69
CA HIS B 88 -11.40 8.75 -11.36
C HIS B 88 -11.94 7.75 -10.33
N ASP B 89 -11.09 7.38 -9.39
CA ASP B 89 -11.47 6.38 -8.40
C ASP B 89 -12.35 6.95 -7.31
N VAL B 90 -13.18 7.90 -7.71
CA VAL B 90 -14.14 8.53 -6.82
C VAL B 90 -15.28 7.54 -6.65
N SER B 91 -15.93 7.59 -5.49
CA SER B 91 -17.14 6.81 -5.27
C SER B 91 -18.14 7.14 -6.38
N LYS B 92 -18.61 6.10 -7.08
CA LYS B 92 -19.49 6.28 -8.22
C LYS B 92 -20.92 6.29 -7.71
N GLU B 93 -21.04 6.17 -6.40
CA GLU B 93 -22.33 6.18 -5.71
C GLU B 93 -23.00 7.53 -5.95
N GLU B 94 -24.13 7.51 -6.64
CA GLU B 94 -24.83 8.73 -7.00
C GLU B 94 -25.29 9.54 -5.78
N PRO B 95 -25.12 10.87 -5.83
CA PRO B 95 -24.41 11.66 -6.84
C PRO B 95 -22.91 11.77 -6.55
N VAL B 96 -22.09 11.69 -7.60
CA VAL B 96 -20.65 11.84 -7.44
C VAL B 96 -20.31 13.23 -6.89
N THR B 97 -19.69 13.28 -5.71
CA THR B 97 -19.53 14.54 -5.02
C THR B 97 -18.07 15.06 -5.04
N PHE B 98 -17.91 16.35 -5.32
CA PHE B 98 -16.60 16.98 -5.28
C PHE B 98 -16.66 18.22 -4.40
N HIS B 99 -15.56 18.56 -3.74
CA HIS B 99 -15.49 19.81 -2.98
C HIS B 99 -14.62 20.85 -3.69
N PHE B 100 -15.18 22.02 -3.98
CA PHE B 100 -14.41 23.09 -4.65
C PHE B 100 -13.58 23.86 -3.62
N LEU B 101 -12.27 23.79 -3.75
CA LEU B 101 -11.38 24.34 -2.76
C LEU B 101 -10.13 24.87 -3.39
N ALA B 102 -9.47 25.76 -2.65
CA ALA B 102 -8.16 26.19 -3.07
C ALA B 102 -7.18 25.07 -2.79
N LYS B 103 -6.36 24.79 -3.79
CA LYS B 103 -5.34 23.76 -3.71
C LYS B 103 -3.98 24.45 -3.59
N PHE B 104 -3.91 25.66 -4.13
CA PHE B 104 -2.67 26.43 -4.08
C PHE B 104 -2.98 27.78 -3.46
N TYR B 105 -1.96 28.41 -2.88
CA TYR B 105 -2.11 29.68 -2.20
C TYR B 105 -1.18 30.74 -2.81
N PRO B 106 -1.63 32.00 -2.84
CA PRO B 106 -0.77 33.09 -3.32
C PRO B 106 0.37 33.41 -2.36
N GLU B 107 1.46 33.94 -2.88
CA GLU B 107 2.52 34.44 -2.02
C GLU B 107 2.07 35.74 -1.39
N ASN B 108 1.17 36.44 -2.06
CA ASN B 108 0.62 37.66 -1.50
C ASN B 108 -0.83 37.81 -1.92
N ALA B 109 -1.72 37.60 -0.97
CA ALA B 109 -3.14 37.53 -1.24
C ALA B 109 -3.65 38.87 -1.76
N GLU B 110 -3.06 39.94 -1.25
CA GLU B 110 -3.51 41.29 -1.58
C GLU B 110 -3.29 41.60 -3.05
N GLU B 111 -2.26 41.04 -3.64
CA GLU B 111 -1.91 41.37 -5.03
C GLU B 111 -2.51 40.39 -6.06
N GLU B 112 -2.66 39.14 -5.67
CA GLU B 112 -3.08 38.06 -6.59
C GLU B 112 -4.57 37.73 -6.54
N LEU B 113 -5.23 38.08 -5.43
CA LEU B 113 -6.67 37.81 -5.34
C LEU B 113 -7.51 39.06 -5.68
N VAL B 114 -7.96 39.10 -6.93
CA VAL B 114 -8.71 40.23 -7.47
C VAL B 114 -10.23 40.06 -7.42
N GLN B 115 -10.76 38.98 -7.99
CA GLN B 115 -12.21 38.82 -7.99
C GLN B 115 -12.73 38.69 -6.57
N GLU B 116 -13.89 39.29 -6.33
CA GLU B 116 -14.49 39.29 -5.03
C GLU B 116 -14.86 37.88 -4.55
N ILE B 117 -15.35 37.02 -5.46
CA ILE B 117 -15.71 35.69 -5.01
C ILE B 117 -14.42 34.92 -4.63
N THR B 118 -13.34 35.19 -5.34
CA THR B 118 -12.06 34.55 -5.08
C THR B 118 -11.54 34.89 -3.67
N GLN B 119 -11.47 36.18 -3.37
CA GLN B 119 -11.12 36.60 -2.02
C GLN B 119 -12.05 35.97 -1.03
N HIS B 120 -13.33 35.96 -1.37
CA HIS B 120 -14.30 35.45 -0.43
C HIS B 120 -14.18 33.95 -0.17
N LEU B 121 -13.92 33.16 -1.20
CA LEU B 121 -13.82 31.73 -0.95
C LEU B 121 -12.51 31.39 -0.22
N PHE B 122 -11.46 32.16 -0.46
CA PHE B 122 -10.22 31.98 0.30
C PHE B 122 -10.42 32.37 1.77
N PHE B 123 -11.06 33.50 1.98
CA PHE B 123 -11.31 33.96 3.32
C PHE B 123 -12.02 32.90 4.12
N LEU B 124 -13.09 32.34 3.58
CA LEU B 124 -13.85 31.34 4.34
C LEU B 124 -13.05 30.06 4.55
N GLN B 125 -12.30 29.62 3.52
CA GLN B 125 -11.54 28.37 3.62
C GLN B 125 -10.46 28.54 4.68
N VAL B 126 -9.82 29.71 4.70
CA VAL B 126 -8.78 29.94 5.67
C VAL B 126 -9.31 30.10 7.11
N LYS B 127 -10.43 30.79 7.29
CA LYS B 127 -11.01 30.96 8.63
C LYS B 127 -11.32 29.61 9.24
N LYS B 128 -11.86 28.73 8.42
CA LYS B 128 -12.18 27.39 8.87
C LYS B 128 -10.93 26.57 9.21
N GLN B 129 -9.84 26.71 8.46
CA GLN B 129 -8.59 26.04 8.87
C GLN B 129 -8.21 26.53 10.27
N ILE B 130 -8.35 27.83 10.50
CA ILE B 130 -7.92 28.45 11.74
C ILE B 130 -8.84 28.14 12.92
N LEU B 131 -10.14 28.27 12.74
CA LEU B 131 -11.08 27.98 13.82
C LEU B 131 -11.08 26.50 14.23
N ASP B 132 -10.73 25.64 13.28
CA ASP B 132 -10.65 24.19 13.51
C ASP B 132 -9.24 23.78 13.94
N GLU B 133 -8.34 24.76 14.03
CA GLU B 133 -6.95 24.52 14.49
C GLU B 133 -6.08 23.60 13.63
N LYS B 134 -6.31 23.56 12.32
CA LYS B 134 -5.35 22.90 11.41
C LYS B 134 -4.19 23.86 11.15
N VAL B 135 -4.49 25.16 11.17
CA VAL B 135 -3.44 26.18 11.08
C VAL B 135 -3.32 26.94 12.41
N TYR B 136 -2.15 26.77 13.03
CA TYR B 136 -1.89 27.36 14.34
C TYR B 136 -2.06 28.86 14.31
N CYS B 137 -2.57 29.38 15.42
CA CYS B 137 -2.78 30.80 15.55
C CYS B 137 -2.43 31.28 16.95
N PRO B 138 -1.57 32.30 17.06
CA PRO B 138 -1.30 32.87 18.38
C PRO B 138 -2.54 33.53 18.93
N PRO B 139 -2.67 33.56 20.26
CA PRO B 139 -3.86 34.10 20.91
C PRO B 139 -4.20 35.49 20.40
N GLU B 140 -3.23 36.39 20.37
CA GLU B 140 -3.50 37.76 20.00
C GLU B 140 -3.94 37.90 18.53
N ALA B 141 -3.43 37.00 17.67
CA ALA B 141 -3.82 36.95 16.26
C ALA B 141 -5.26 36.54 16.11
N SER B 142 -5.67 35.59 16.93
CA SER B 142 -7.04 35.11 16.88
C SER B 142 -8.07 36.21 17.25
N VAL B 143 -7.71 37.10 18.15
CA VAL B 143 -8.63 38.19 18.49
C VAL B 143 -8.76 39.19 17.35
N LEU B 144 -7.64 39.59 16.75
CA LEU B 144 -7.72 40.59 15.68
C LEU B 144 -8.39 39.96 14.45
N LEU B 145 -8.10 38.69 14.18
CA LEU B 145 -8.72 37.98 13.07
C LEU B 145 -10.24 37.93 13.27
N ALA B 146 -10.71 37.58 14.46
CA ALA B 146 -12.13 37.58 14.78
C ALA B 146 -12.82 38.95 14.52
N SER B 147 -12.14 40.02 14.88
CA SER B 147 -12.71 41.35 14.77
C SER B 147 -12.94 41.71 13.30
N TYR B 148 -12.05 41.26 12.43
CA TYR B 148 -12.26 41.51 11.00
C TYR B 148 -13.37 40.64 10.45
N ALA B 149 -13.49 39.42 10.96
CA ALA B 149 -14.54 38.55 10.48
C ALA B 149 -15.93 39.16 10.78
N VAL B 150 -16.15 39.63 12.02
CA VAL B 150 -17.44 40.21 12.36
CA VAL B 150 -17.41 40.28 12.44
C VAL B 150 -17.68 41.50 11.57
N GLN B 151 -16.62 42.25 11.27
CA GLN B 151 -16.76 43.42 10.38
C GLN B 151 -17.20 42.97 8.98
N ALA B 152 -16.77 41.77 8.59
CA ALA B 152 -17.11 41.27 7.26
C ALA B 152 -18.56 40.84 7.21
N LYS B 153 -19.04 40.27 8.31
CA LYS B 153 -20.38 39.71 8.36
C LYS B 153 -21.46 40.72 8.76
N TYR B 154 -21.19 41.52 9.79
CA TYR B 154 -22.18 42.43 10.36
C TYR B 154 -22.09 43.86 9.88
N GLY B 155 -21.12 44.15 9.03
CA GLY B 155 -20.90 45.52 8.63
C GLY B 155 -20.39 46.30 9.84
N ASP B 156 -20.44 47.62 9.74
CA ASP B 156 -19.98 48.50 10.80
C ASP B 156 -20.66 48.21 12.15
N TYR B 157 -19.99 48.56 13.24
CA TYR B 157 -20.52 48.36 14.60
C TYR B 157 -21.62 49.37 14.91
N ASP B 158 -22.67 48.91 15.57
CA ASP B 158 -23.76 49.76 16.02
C ASP B 158 -24.30 49.33 17.36
N PRO B 159 -23.96 50.09 18.41
CA PRO B 159 -24.38 49.75 19.78
C PRO B 159 -25.91 49.67 19.90
N SER B 160 -26.65 50.29 18.97
CA SER B 160 -28.11 50.21 18.98
C SER B 160 -28.63 48.92 18.34
N VAL B 161 -27.85 48.31 17.46
CA VAL B 161 -28.22 47.03 16.88
C VAL B 161 -27.45 45.92 17.58
N HIS B 162 -26.15 46.11 17.69
CA HIS B 162 -25.28 45.12 18.30
C HIS B 162 -25.11 45.34 19.80
N LYS B 163 -26.16 45.01 20.56
CA LYS B 163 -26.11 45.20 21.99
C LYS B 163 -25.25 44.07 22.53
N ARG B 164 -24.68 44.25 23.73
CA ARG B 164 -23.85 43.20 24.31
C ARG B 164 -24.57 41.86 24.24
N GLY B 165 -23.83 40.83 23.86
CA GLY B 165 -24.38 39.49 23.74
C GLY B 165 -24.83 39.12 22.34
N PHE B 166 -24.57 40.00 21.37
CA PHE B 166 -24.94 39.72 19.98
C PHE B 166 -23.99 38.73 19.27
N LEU B 167 -22.86 38.43 19.91
CA LEU B 167 -21.89 37.48 19.37
C LEU B 167 -21.83 36.18 20.17
N ALA B 168 -22.89 35.90 20.94
CA ALA B 168 -22.80 34.83 21.93
C ALA B 168 -22.53 33.45 21.36
N GLN B 169 -23.30 33.02 20.37
CA GLN B 169 -23.00 31.71 19.79
C GLN B 169 -22.56 31.79 18.34
N GLU B 170 -21.79 32.83 18.08
CA GLU B 170 -21.05 32.96 16.84
C GLU B 170 -19.67 32.54 17.29
N GLU B 171 -19.09 31.57 16.59
CA GLU B 171 -17.80 31.04 16.97
C GLU B 171 -16.63 31.81 16.34
N LEU B 172 -15.97 32.62 17.17
CA LEU B 172 -14.95 33.55 16.71
C LEU B 172 -13.49 33.14 17.00
N LEU B 173 -13.29 32.23 17.94
CA LEU B 173 -11.94 31.85 18.37
C LEU B 173 -11.68 30.34 18.39
N PRO B 174 -10.43 29.93 18.12
CA PRO B 174 -10.04 28.53 18.33
C PRO B 174 -10.16 28.19 19.81
N LYS B 175 -10.67 26.99 20.14
CA LYS B 175 -10.85 26.59 21.53
C LYS B 175 -9.53 26.61 22.28
N ARG B 176 -8.45 26.47 21.53
CA ARG B 176 -7.12 26.50 22.10
C ARG B 176 -6.75 27.79 22.80
N VAL B 177 -7.12 28.95 22.26
CA VAL B 177 -6.72 30.17 22.94
C VAL B 177 -7.67 30.51 24.10
N ILE B 178 -8.93 30.09 24.02
CA ILE B 178 -9.86 30.37 25.12
C ILE B 178 -9.59 29.47 26.31
N ASN B 179 -8.95 28.33 26.07
CA ASN B 179 -8.50 27.47 27.18
C ASN B 179 -7.12 27.86 27.74
N LEU B 180 -6.63 29.04 27.41
CA LEU B 180 -5.33 29.50 27.92
C LEU B 180 -5.46 30.68 28.85
N TYR B 181 -6.67 31.20 28.96
CA TYR B 181 -6.88 32.43 29.70
C TYR B 181 -8.00 32.35 30.71
N GLN B 182 -7.83 33.11 31.79
CA GLN B 182 -8.88 33.30 32.77
C GLN B 182 -9.78 34.41 32.23
N MET B 183 -10.41 34.13 31.10
CA MET B 183 -11.24 35.11 30.40
C MET B 183 -12.69 34.61 30.30
N THR B 184 -13.64 35.51 30.59
CA THR B 184 -15.05 35.19 30.47
C THR B 184 -15.49 35.23 29.02
N PRO B 185 -16.46 34.38 28.64
CA PRO B 185 -16.99 34.45 27.27
C PRO B 185 -17.35 35.89 26.90
N GLU B 186 -18.25 36.48 27.67
CA GLU B 186 -18.65 37.87 27.52
C GLU B 186 -17.46 38.83 27.48
N MET B 187 -16.36 38.45 28.12
CA MET B 187 -15.18 39.30 28.14
C MET B 187 -14.46 39.26 26.79
N TRP B 188 -14.31 38.05 26.23
CA TRP B 188 -13.74 37.89 24.90
C TRP B 188 -14.45 38.79 23.91
N GLU B 189 -15.78 38.78 24.01
CA GLU B 189 -16.63 39.52 23.11
C GLU B 189 -16.47 41.01 23.32
N GLU B 190 -16.10 41.41 24.52
CA GLU B 190 -15.84 42.82 24.79
C GLU B 190 -14.55 43.24 24.07
N ARG B 191 -13.53 42.38 24.10
CA ARG B 191 -12.28 42.69 23.41
C ARG B 191 -12.46 42.67 21.90
N ILE B 192 -13.18 41.67 21.39
CA ILE B 192 -13.42 41.57 19.97
C ILE B 192 -14.24 42.75 19.43
N THR B 193 -15.27 43.15 20.20
CA THR B 193 -16.11 44.27 19.82
C THR B 193 -15.31 45.58 19.77
N ALA B 194 -14.41 45.76 20.74
CA ALA B 194 -13.58 46.96 20.79
C ALA B 194 -12.74 47.08 19.53
N TRP B 195 -12.12 45.97 19.13
CA TRP B 195 -11.33 45.96 17.91
C TRP B 195 -12.23 46.04 16.69
N TYR B 196 -13.39 45.41 16.77
CA TYR B 196 -14.42 45.50 15.75
C TYR B 196 -14.76 46.96 15.43
N ALA B 197 -14.94 47.76 16.48
CA ALA B 197 -15.28 49.17 16.31
C ALA B 197 -14.17 49.96 15.61
N GLU B 198 -12.96 49.43 15.61
CA GLU B 198 -11.83 50.08 14.96
C GLU B 198 -11.91 49.92 13.45
N HIS B 199 -12.83 49.09 12.98
CA HIS B 199 -12.87 48.73 11.57
C HIS B 199 -14.02 49.44 10.83
N ARG B 200 -14.41 50.61 11.32
CA ARG B 200 -15.50 51.34 10.71
C ARG B 200 -15.16 51.84 9.29
N GLY B 201 -16.05 51.59 8.35
CA GLY B 201 -15.84 52.04 6.98
C GLY B 201 -15.40 50.92 6.08
N ARG B 202 -14.94 49.82 6.68
CA ARG B 202 -14.46 48.70 5.89
C ARG B 202 -15.59 47.80 5.43
N ALA B 203 -15.71 47.70 4.10
CA ALA B 203 -16.69 46.81 3.48
C ALA B 203 -16.31 45.34 3.70
N ARG B 204 -17.23 44.45 3.37
CA ARG B 204 -17.01 43.01 3.51
C ARG B 204 -15.68 42.60 2.88
N ASP B 205 -15.49 42.91 1.59
CA ASP B 205 -14.29 42.47 0.89
C ASP B 205 -13.01 43.03 1.52
N GLU B 206 -13.05 44.30 1.91
CA GLU B 206 -11.91 44.93 2.55
C GLU B 206 -11.61 44.24 3.88
N ALA B 207 -12.64 43.87 4.62
CA ALA B 207 -12.43 43.22 5.91
C ALA B 207 -11.88 41.81 5.68
N GLU B 208 -12.44 41.10 4.73
CA GLU B 208 -11.96 39.77 4.40
C GLU B 208 -10.50 39.79 3.94
N MET B 209 -10.13 40.81 3.17
CA MET B 209 -8.76 40.92 2.68
C MET B 209 -7.80 41.17 3.83
N GLU B 210 -8.21 41.99 4.79
CA GLU B 210 -7.41 42.25 5.98
C GLU B 210 -7.22 40.98 6.81
N TYR B 211 -8.27 40.19 6.93
CA TYR B 211 -8.16 38.86 7.55
C TYR B 211 -7.06 38.03 6.88
N LEU B 212 -7.10 37.97 5.55
CA LEU B 212 -6.13 37.18 4.80
C LEU B 212 -4.72 37.73 4.94
N LYS B 213 -4.58 39.06 5.03
CA LYS B 213 -3.26 39.70 5.21
C LYS B 213 -2.59 39.28 6.51
N ILE B 214 -3.40 39.03 7.52
CA ILE B 214 -2.89 38.55 8.79
C ILE B 214 -2.70 37.04 8.74
N ALA B 215 -3.68 36.35 8.16
CA ALA B 215 -3.64 34.88 8.10
C ALA B 215 -2.42 34.44 7.30
N GLN B 216 -2.05 35.27 6.35
CA GLN B 216 -0.99 34.99 5.39
C GLN B 216 0.36 34.84 6.06
N ASP B 217 0.55 35.54 7.16
CA ASP B 217 1.85 35.54 7.83
C ASP B 217 2.01 34.41 8.85
N LEU B 218 0.94 33.68 9.16
CA LEU B 218 1.06 32.54 10.07
C LEU B 218 1.96 31.48 9.47
N GLU B 219 2.71 30.79 10.32
CA GLU B 219 3.73 29.83 9.91
C GLU B 219 3.16 28.59 9.22
N MET B 220 1.94 28.21 9.56
CA MET B 220 1.37 27.00 8.99
C MET B 220 0.48 27.32 7.82
N TYR B 221 0.31 28.60 7.54
CA TYR B 221 -0.53 29.04 6.45
C TYR B 221 -0.06 28.44 5.15
N GLY B 222 -0.97 27.73 4.49
CA GLY B 222 -0.78 27.31 3.10
C GLY B 222 0.18 26.17 2.91
N VAL B 223 0.56 25.46 3.98
CA VAL B 223 1.53 24.40 3.80
C VAL B 223 0.82 23.06 3.88
N ASN B 224 1.16 22.18 2.94
CA ASN B 224 0.65 20.81 2.90
C ASN B 224 1.62 19.93 3.64
N TYR B 225 1.16 19.25 4.68
CA TYR B 225 2.05 18.42 5.51
C TYR B 225 1.92 16.96 5.21
N PHE B 226 3.05 16.28 5.08
CA PHE B 226 3.07 14.83 4.88
C PHE B 226 4.10 14.16 5.74
N THR B 227 3.70 13.05 6.32
CA THR B 227 4.60 12.25 7.14
C THR B 227 5.57 11.46 6.27
N ILE B 228 6.86 11.55 6.59
CA ILE B 228 7.89 10.84 5.83
C ILE B 228 8.99 10.27 6.73
N ARG B 229 9.90 9.51 6.14
CA ARG B 229 11.11 9.03 6.84
C ARG B 229 12.39 9.27 6.06
N ASN B 230 13.40 9.78 6.72
CA ASN B 230 14.70 9.90 6.07
C ASN B 230 15.35 8.52 5.99
N LYS B 231 16.55 8.42 5.41
CA LYS B 231 17.16 7.12 5.16
C LYS B 231 17.44 6.34 6.44
N LYS B 232 17.70 7.07 7.53
CA LYS B 232 17.92 6.46 8.84
C LYS B 232 16.65 6.02 9.54
N GLY B 233 15.50 6.32 8.96
CA GLY B 233 14.24 5.92 9.57
C GLY B 233 13.61 6.98 10.45
N THR B 234 14.24 8.15 10.55
CA THR B 234 13.72 9.21 11.43
C THR B 234 12.41 9.76 10.87
N GLU B 235 11.39 9.80 11.71
CA GLU B 235 10.08 10.31 11.31
C GLU B 235 10.15 11.84 11.15
N LEU B 236 9.74 12.31 9.98
CA LEU B 236 9.76 13.74 9.73
C LEU B 236 8.46 14.24 9.08
N LEU B 237 8.36 15.54 8.91
CA LEU B 237 7.24 16.09 8.16
C LEU B 237 7.80 16.75 6.91
N LEU B 238 7.15 16.46 5.80
CA LEU B 238 7.42 17.20 4.58
C LEU B 238 6.34 18.27 4.47
N GLY B 239 6.78 19.51 4.28
CA GLY B 239 5.87 20.58 4.00
C GLY B 239 6.06 21.05 2.57
N VAL B 240 4.95 21.11 1.83
CA VAL B 240 4.96 21.60 0.47
C VAL B 240 4.15 22.89 0.44
N ASP B 241 4.77 24.02 0.11
CA ASP B 241 4.00 25.25 -0.05
C ASP B 241 4.42 26.08 -1.26
N ALA B 242 3.93 27.31 -1.31
CA ALA B 242 4.12 28.21 -2.44
C ALA B 242 5.58 28.63 -2.61
N LEU B 243 6.34 28.49 -1.54
CA LEU B 243 7.71 28.98 -1.47
C LEU B 243 8.77 27.89 -1.66
N GLY B 244 8.41 26.65 -1.36
CA GLY B 244 9.34 25.55 -1.54
C GLY B 244 8.94 24.25 -0.86
N LEU B 245 9.96 23.40 -0.66
CA LEU B 245 9.83 22.18 0.12
C LEU B 245 10.46 22.40 1.50
N HIS B 246 9.86 21.82 2.54
CA HIS B 246 10.37 22.05 3.89
C HIS B 246 10.33 20.74 4.67
N ILE B 247 11.29 20.59 5.56
CA ILE B 247 11.43 19.42 6.42
C ILE B 247 11.30 19.82 7.88
N TYR B 248 10.35 19.21 8.57
CA TYR B 248 10.12 19.51 9.96
C TYR B 248 10.37 18.31 10.87
N ASP B 249 10.75 18.63 12.08
CA ASP B 249 10.58 17.71 13.18
C ASP B 249 9.08 17.68 13.46
N PRO B 250 8.50 16.48 13.61
CA PRO B 250 7.06 16.28 13.80
C PRO B 250 6.48 17.03 14.99
N GLU B 251 7.30 17.35 15.99
CA GLU B 251 6.81 18.05 17.17
C GLU B 251 6.80 19.58 16.99
N ASN B 252 7.26 20.05 15.83
CA ASN B 252 7.32 21.49 15.49
C ASN B 252 6.91 21.71 14.02
N ARG B 253 5.63 21.99 13.81
CA ARG B 253 5.08 22.32 12.50
C ARG B 253 5.26 23.80 12.18
N LEU B 254 5.84 24.55 13.10
CA LEU B 254 5.92 25.99 12.94
C LEU B 254 7.17 26.46 12.19
N THR B 255 8.31 25.85 12.51
CA THR B 255 9.62 26.31 12.01
C THR B 255 10.37 25.12 11.41
N PRO B 256 10.61 25.15 10.09
CA PRO B 256 11.24 23.98 9.48
C PRO B 256 12.70 23.80 9.86
N LYS B 257 13.17 22.56 9.88
CA LYS B 257 14.60 22.36 10.07
C LYS B 257 15.32 22.67 8.73
N ILE B 258 14.73 22.30 7.60
CA ILE B 258 15.36 22.56 6.30
C ILE B 258 14.40 23.17 5.30
N SER B 259 14.85 24.17 4.54
CA SER B 259 14.03 24.73 3.46
C SER B 259 14.72 24.73 2.09
N PHE B 260 13.95 24.33 1.09
CA PHE B 260 14.37 24.28 -0.30
C PHE B 260 13.47 25.17 -1.13
N PRO B 261 13.86 26.44 -1.33
CA PRO B 261 13.10 27.35 -2.21
C PRO B 261 12.98 26.77 -3.60
N TRP B 262 11.87 27.05 -4.29
CA TRP B 262 11.59 26.45 -5.59
C TRP B 262 12.61 26.83 -6.65
N ASN B 263 13.26 27.98 -6.48
CA ASN B 263 14.23 28.44 -7.46
C ASN B 263 15.57 27.77 -7.20
N GLU B 264 15.69 27.14 -6.04
CA GLU B 264 16.92 26.44 -5.67
C GLU B 264 16.81 24.92 -5.78
N ILE B 265 15.78 24.46 -6.49
CA ILE B 265 15.58 23.03 -6.69
C ILE B 265 15.78 22.71 -8.17
N ARG B 266 16.62 21.71 -8.46
CA ARG B 266 16.84 21.31 -9.84
C ARG B 266 15.78 20.30 -10.26
N ASN B 267 15.53 19.30 -9.43
CA ASN B 267 14.52 18.28 -9.78
C ASN B 267 14.02 17.56 -8.54
N ILE B 268 12.80 17.06 -8.63
CA ILE B 268 12.20 16.20 -7.61
C ILE B 268 11.73 14.92 -8.27
N SER B 269 12.42 13.83 -7.97
CA SER B 269 12.09 12.52 -8.52
C SER B 269 11.54 11.56 -7.46
N TYR B 270 10.67 10.66 -7.90
CA TYR B 270 10.12 9.58 -7.08
C TYR B 270 10.37 8.22 -7.76
N SER B 271 10.82 7.23 -7.00
CA SER B 271 10.95 5.84 -7.48
C SER B 271 10.65 4.87 -6.35
N ASP B 272 9.81 3.88 -6.59
CA ASP B 272 9.45 2.91 -5.54
C ASP B 272 8.81 3.65 -4.36
N LYS B 273 9.49 3.69 -3.21
CA LYS B 273 8.98 4.48 -2.09
C LYS B 273 9.87 5.68 -1.75
N GLU B 274 10.70 6.11 -2.70
CA GLU B 274 11.77 7.07 -2.40
C GLU B 274 11.72 8.37 -3.20
N PHE B 275 11.77 9.48 -2.46
CA PHE B 275 11.88 10.78 -3.10
C PHE B 275 13.31 11.22 -3.05
N THR B 276 13.74 11.93 -4.09
CA THR B 276 15.04 12.56 -4.10
C THR B 276 14.88 14.01 -4.52
N ILE B 277 15.35 14.92 -3.67
CA ILE B 277 15.37 16.33 -3.98
C ILE B 277 16.77 16.69 -4.47
N LYS B 278 16.84 17.15 -5.70
CA LYS B 278 18.12 17.51 -6.31
C LYS B 278 18.29 19.02 -6.32
N PRO B 279 19.28 19.51 -5.59
CA PRO B 279 19.43 20.95 -5.54
C PRO B 279 20.05 21.54 -6.79
N LEU B 280 19.63 22.75 -7.15
CA LEU B 280 20.36 23.52 -8.13
C LEU B 280 21.63 23.78 -7.35
N ASP B 281 22.77 23.96 -8.02
CA ASP B 281 24.07 24.02 -7.33
C ASP B 281 24.51 22.60 -6.98
N LYS B 282 25.36 22.03 -7.85
CA LYS B 282 25.75 20.64 -7.84
C LYS B 282 26.53 20.23 -6.59
N LYS B 283 27.14 21.21 -5.94
CA LYS B 283 27.98 21.01 -4.77
C LYS B 283 27.28 20.66 -3.46
N ILE B 284 25.99 20.93 -3.31
CA ILE B 284 25.37 20.85 -1.98
C ILE B 284 25.21 19.45 -1.42
N ASP B 285 24.47 18.60 -2.12
CA ASP B 285 24.24 17.18 -1.83
C ASP B 285 22.96 16.81 -2.52
N VAL B 286 22.27 15.87 -1.90
CA VAL B 286 21.00 15.39 -2.39
C VAL B 286 20.21 15.06 -1.15
N PHE B 287 18.90 15.27 -1.18
CA PHE B 287 18.13 14.95 0.01
C PHE B 287 17.07 13.91 -0.33
N LYS B 288 17.18 12.74 0.30
CA LYS B 288 16.23 11.65 0.08
C LYS B 288 15.38 11.41 1.33
N PHE B 289 14.17 10.95 1.10
CA PHE B 289 13.28 10.58 2.19
C PHE B 289 12.33 9.51 1.64
N ASN B 290 11.71 8.75 2.55
CA ASN B 290 10.81 7.69 2.12
C ASN B 290 9.40 8.03 2.45
N SER B 291 8.51 7.67 1.54
CA SER B 291 7.07 7.78 1.75
C SER B 291 6.43 6.54 1.13
N SER B 292 5.60 5.85 1.90
CA SER B 292 5.14 4.51 1.51
C SER B 292 3.91 4.48 0.60
N LYS B 293 2.89 5.23 0.98
CA LYS B 293 1.61 5.21 0.30
C LYS B 293 1.68 5.92 -1.06
N LEU B 294 1.47 5.16 -2.12
CA LEU B 294 1.62 5.70 -3.47
C LEU B 294 0.57 6.75 -3.80
N ARG B 295 -0.58 6.68 -3.14
CA ARG B 295 -1.60 7.70 -3.30
C ARG B 295 -1.06 9.06 -2.86
N VAL B 296 -0.42 9.07 -1.69
CA VAL B 296 0.13 10.29 -1.11
C VAL B 296 1.26 10.82 -1.98
N ASN B 297 2.04 9.88 -2.50
CA ASN B 297 3.19 10.23 -3.31
C ASN B 297 2.79 10.91 -4.60
N LYS B 298 1.65 10.53 -5.16
CA LYS B 298 1.15 11.21 -6.34
C LYS B 298 0.70 12.62 -5.96
N LEU B 299 0.05 12.75 -4.82
CA LEU B 299 -0.42 14.06 -4.36
C LEU B 299 0.76 15.02 -4.15
N ILE B 300 1.83 14.52 -3.52
CA ILE B 300 3.03 15.32 -3.27
C ILE B 300 3.64 15.86 -4.54
N LEU B 301 3.70 15.02 -5.56
CA LEU B 301 4.25 15.41 -6.86
C LEU B 301 3.33 16.44 -7.54
N GLN B 302 2.02 16.21 -7.50
CA GLN B 302 1.03 17.20 -7.99
C GLN B 302 1.25 18.58 -7.32
N LEU B 303 1.43 18.59 -5.99
CA LEU B 303 1.55 19.84 -5.24
C LEU B 303 2.89 20.54 -5.52
N CYS B 304 3.95 19.75 -5.72
CA CYS B 304 5.28 20.27 -6.06
C CYS B 304 5.27 20.91 -7.43
N ILE B 305 4.70 20.19 -8.39
CA ILE B 305 4.65 20.68 -9.75
C ILE B 305 3.88 21.98 -9.84
N GLY B 306 2.65 21.97 -9.30
CA GLY B 306 1.82 23.17 -9.35
C GLY B 306 2.45 24.36 -8.63
N ASN B 307 2.93 24.18 -7.40
CA ASN B 307 3.49 25.29 -6.63
C ASN B 307 4.75 25.81 -7.32
N HIS B 308 5.57 24.90 -7.82
CA HIS B 308 6.78 25.32 -8.55
C HIS B 308 6.46 26.17 -9.76
N ASP B 309 5.52 25.68 -10.56
CA ASP B 309 5.11 26.40 -11.76
C ASP B 309 4.51 27.78 -11.42
N LEU B 310 3.62 27.85 -10.43
CA LEU B 310 3.06 29.15 -10.03
C LEU B 310 4.15 30.07 -9.47
N PHE B 311 5.12 29.49 -8.75
CA PHE B 311 6.24 30.27 -8.19
C PHE B 311 7.01 30.91 -9.35
N MET B 312 7.30 30.13 -10.39
CA MET B 312 8.08 30.63 -11.52
C MET B 312 7.28 31.65 -12.32
N ARG B 313 5.99 31.40 -12.50
CA ARG B 313 5.14 32.30 -13.27
C ARG B 313 4.94 33.67 -12.62
N ARG B 314 5.08 33.74 -11.30
CA ARG B 314 4.99 35.01 -10.57
C ARG B 314 6.31 35.78 -10.71
N ARG B 315 7.31 35.13 -11.31
CA ARG B 315 8.65 35.71 -11.41
C ARG B 315 8.97 36.14 -12.84
N PRO C 23 -0.09 -22.47 18.65
CA PRO C 23 -0.72 -23.73 18.23
C PRO C 23 -0.35 -24.13 16.80
N LYS C 24 0.19 -25.35 16.65
CA LYS C 24 0.51 -25.85 15.32
C LYS C 24 -0.74 -26.27 14.59
N THR C 25 -0.88 -25.70 13.40
CA THR C 25 -2.03 -25.91 12.53
C THR C 25 -1.55 -26.39 11.16
N PHE C 26 -2.50 -26.85 10.35
CA PHE C 26 -2.24 -27.06 8.92
C PHE C 26 -3.41 -26.47 8.15
N THR C 27 -3.12 -25.81 7.05
CA THR C 27 -4.14 -25.07 6.35
C THR C 27 -4.99 -25.99 5.47
N VAL C 28 -6.31 -25.81 5.49
CA VAL C 28 -7.15 -26.47 4.50
C VAL C 28 -7.83 -25.40 3.68
N ARG C 29 -8.04 -25.75 2.41
CA ARG C 29 -8.80 -24.92 1.50
C ARG C 29 -10.14 -25.59 1.29
N ILE C 30 -11.21 -24.80 1.47
CA ILE C 30 -12.56 -25.31 1.21
C ILE C 30 -13.18 -24.65 -0.03
N VAL C 31 -13.53 -25.45 -1.03
CA VAL C 31 -14.16 -24.93 -2.23
C VAL C 31 -15.66 -25.24 -2.21
N THR C 32 -16.49 -24.20 -2.23
CA THR C 32 -17.95 -24.33 -2.41
C THR C 32 -18.26 -24.01 -3.85
N MET C 33 -19.53 -24.09 -4.23
CA MET C 33 -19.88 -23.85 -5.64
C MET C 33 -19.61 -22.41 -6.11
N ASP C 34 -19.66 -21.46 -5.18
CA ASP C 34 -19.47 -20.06 -5.54
C ASP C 34 -18.31 -19.34 -4.83
N ALA C 35 -17.63 -20.00 -3.90
CA ALA C 35 -16.53 -19.36 -3.16
C ALA C 35 -15.42 -20.31 -2.70
N GLU C 36 -14.38 -19.70 -2.11
CA GLU C 36 -13.24 -20.39 -1.53
C GLU C 36 -12.96 -19.87 -0.12
N MET C 37 -12.72 -20.79 0.80
CA MET C 37 -12.44 -20.48 2.20
C MET C 37 -11.11 -21.12 2.59
N GLU C 38 -10.48 -20.63 3.65
CA GLU C 38 -9.24 -21.21 4.13
C GLU C 38 -9.30 -21.30 5.64
N PHE C 39 -8.97 -22.45 6.21
CA PHE C 39 -8.98 -22.55 7.67
C PHE C 39 -7.64 -23.09 8.19
N ASN C 40 -7.30 -22.72 9.42
CA ASN C 40 -6.15 -23.31 10.10
C ASN C 40 -6.62 -24.36 11.09
N CYS C 41 -6.31 -25.62 10.80
CA CYS C 41 -6.84 -26.75 11.57
C CYS C 41 -5.84 -27.34 12.51
N GLU C 42 -6.25 -27.61 13.74
CA GLU C 42 -5.37 -28.28 14.67
C GLU C 42 -5.14 -29.72 14.19
N MET C 43 -3.92 -30.21 14.42
CA MET C 43 -3.49 -31.50 13.91
C MET C 43 -4.41 -32.63 14.34
N LYS C 44 -5.18 -32.38 15.39
CA LYS C 44 -6.07 -33.41 15.93
C LYS C 44 -7.52 -33.25 15.48
N TRP C 45 -7.83 -32.26 14.62
CA TRP C 45 -9.22 -32.02 14.25
C TRP C 45 -9.82 -33.23 13.55
N LYS C 46 -11.03 -33.61 13.97
CA LYS C 46 -11.75 -34.64 13.26
C LYS C 46 -12.56 -34.04 12.12
N GLY C 47 -13.16 -34.93 11.33
CA GLY C 47 -13.94 -34.52 10.19
C GLY C 47 -15.08 -33.60 10.61
N LYS C 48 -15.67 -33.93 11.76
CA LYS C 48 -16.73 -33.13 12.38
C LYS C 48 -16.31 -31.68 12.66
N ASP C 49 -15.09 -31.51 13.16
CA ASP C 49 -14.57 -30.18 13.51
C ASP C 49 -14.52 -29.27 12.29
N LEU C 50 -14.01 -29.78 11.19
CA LEU C 50 -13.90 -28.99 9.99
C LEU C 50 -15.28 -28.77 9.37
N PHE C 51 -16.10 -29.81 9.35
CA PHE C 51 -17.41 -29.76 8.71
C PHE C 51 -18.35 -28.77 9.37
N ASP C 52 -18.46 -28.84 10.69
CA ASP C 52 -19.31 -27.92 11.46
C ASP C 52 -18.88 -26.47 11.35
N LEU C 53 -17.57 -26.24 11.23
CA LEU C 53 -17.02 -24.90 11.06
C LEU C 53 -17.34 -24.36 9.64
N VAL C 54 -17.21 -25.20 8.62
CA VAL C 54 -17.63 -24.78 7.29
C VAL C 54 -19.14 -24.45 7.27
N CYS C 55 -19.94 -25.32 7.84
CA CYS C 55 -21.38 -25.10 7.86
C CYS C 55 -21.72 -23.87 8.68
N ARG C 56 -21.08 -23.69 9.84
CA ARG C 56 -21.36 -22.49 10.65
C ARG C 56 -20.90 -21.25 9.89
N THR C 57 -19.75 -21.32 9.22
CA THR C 57 -19.29 -20.17 8.44
C THR C 57 -20.27 -19.79 7.33
N LEU C 58 -20.89 -20.79 6.72
CA LEU C 58 -21.88 -20.57 5.67
C LEU C 58 -23.28 -20.18 6.22
N GLY C 59 -23.54 -20.43 7.50
CA GLY C 59 -24.88 -20.22 8.06
C GLY C 59 -25.85 -21.25 7.51
N LEU C 60 -25.32 -22.43 7.21
CA LEU C 60 -26.08 -23.52 6.61
C LEU C 60 -26.60 -24.45 7.72
N ARG C 61 -27.91 -24.66 7.78
CA ARG C 61 -28.51 -25.48 8.86
C ARG C 61 -28.86 -26.92 8.45
N GLU C 62 -29.16 -27.14 7.17
CA GLU C 62 -29.50 -28.47 6.65
C GLU C 62 -28.20 -29.19 6.32
N THR C 63 -27.41 -29.49 7.33
CA THR C 63 -26.06 -30.00 7.11
C THR C 63 -26.03 -31.46 6.63
N TRP C 64 -27.11 -32.21 6.89
CA TRP C 64 -27.19 -33.66 6.61
C TRP C 64 -27.18 -33.97 5.13
N PHE C 65 -27.38 -32.95 4.29
CA PHE C 65 -27.25 -33.14 2.86
C PHE C 65 -25.81 -33.01 2.39
N PHE C 66 -24.96 -32.36 3.20
CA PHE C 66 -23.68 -31.92 2.66
C PHE C 66 -22.51 -32.69 3.19
N GLY C 67 -21.37 -32.47 2.55
CA GLY C 67 -20.14 -33.12 2.97
C GLY C 67 -18.96 -32.44 2.37
N LEU C 68 -17.81 -32.89 2.80
CA LEU C 68 -16.55 -32.40 2.31
C LEU C 68 -15.89 -33.54 1.53
N GLN C 69 -15.58 -33.26 0.28
CA GLN C 69 -15.17 -34.28 -0.64
C GLN C 69 -13.73 -34.15 -1.11
N TYR C 70 -13.09 -35.27 -1.35
CA TYR C 70 -11.81 -35.26 -2.06
C TYR C 70 -11.80 -36.43 -3.04
N THR C 71 -10.88 -36.36 -4.00
CA THR C 71 -10.77 -37.36 -5.04
C THR C 71 -9.43 -38.03 -4.94
N ILE C 72 -9.40 -39.21 -4.31
CA ILE C 72 -8.21 -40.03 -4.28
C ILE C 72 -8.31 -41.01 -5.44
N LYS C 73 -7.23 -41.14 -6.22
CA LYS C 73 -7.23 -41.95 -7.44
C LYS C 73 -8.30 -41.44 -8.40
N ASP C 74 -9.31 -42.28 -8.67
CA ASP C 74 -10.40 -41.89 -9.55
C ASP C 74 -11.75 -41.78 -8.84
N THR C 75 -11.79 -42.19 -7.57
CA THR C 75 -13.06 -42.27 -6.82
C THR C 75 -13.25 -41.16 -5.80
N VAL C 76 -14.45 -40.60 -5.71
CA VAL C 76 -14.68 -39.57 -4.73
C VAL C 76 -14.67 -40.21 -3.36
N ALA C 77 -14.24 -39.45 -2.37
CA ALA C 77 -14.28 -39.88 -1.01
C ALA C 77 -14.84 -38.75 -0.19
N TRP C 78 -15.51 -39.11 0.89
CA TRP C 78 -16.07 -38.11 1.76
C TRP C 78 -15.36 -38.15 3.08
N LEU C 79 -15.10 -36.97 3.62
CA LEU C 79 -14.55 -36.84 4.96
C LEU C 79 -15.48 -37.50 5.94
N LYS C 80 -14.96 -38.43 6.74
CA LYS C 80 -15.76 -39.06 7.80
C LYS C 80 -15.71 -38.15 9.00
N MET C 81 -16.84 -38.05 9.70
CA MET C 81 -16.97 -37.10 10.78
C MET C 81 -16.12 -37.50 11.98
N ASP C 82 -16.12 -38.78 12.31
CA ASP C 82 -15.49 -39.22 13.56
C ASP C 82 -14.06 -39.71 13.37
N LYS C 83 -13.42 -39.27 12.27
CA LYS C 83 -12.05 -39.69 11.97
C LYS C 83 -11.19 -38.46 11.75
N LYS C 84 -9.94 -38.53 12.19
CA LYS C 84 -9.02 -37.41 12.06
C LYS C 84 -8.85 -37.10 10.59
N VAL C 85 -8.94 -35.81 10.24
CA VAL C 85 -8.89 -35.42 8.85
C VAL C 85 -7.58 -35.89 8.20
N LEU C 86 -6.48 -35.86 8.95
CA LEU C 86 -5.18 -36.24 8.38
C LEU C 86 -5.00 -37.76 8.31
N ASP C 87 -5.91 -38.53 8.91
CA ASP C 87 -5.94 -39.99 8.79
C ASP C 87 -6.64 -40.42 7.49
N HIS C 88 -7.24 -39.46 6.80
CA HIS C 88 -7.88 -39.71 5.51
C HIS C 88 -6.83 -39.76 4.42
N ASP C 89 -7.12 -40.46 3.34
CA ASP C 89 -6.18 -40.63 2.24
C ASP C 89 -6.09 -39.41 1.34
N VAL C 90 -6.17 -38.22 1.92
CA VAL C 90 -6.07 -36.96 1.17
C VAL C 90 -4.64 -36.64 0.78
N SER C 91 -4.46 -35.96 -0.33
CA SER C 91 -3.16 -35.35 -0.65
C SER C 91 -2.77 -34.34 0.44
N LYS C 92 -1.56 -34.47 1.00
CA LYS C 92 -1.11 -33.56 2.06
C LYS C 92 -0.40 -32.32 1.51
N GLU C 93 -0.32 -32.20 0.18
CA GLU C 93 0.28 -31.01 -0.44
C GLU C 93 -0.51 -29.75 -0.09
N GLU C 94 0.14 -28.83 0.62
CA GLU C 94 -0.51 -27.64 1.11
C GLU C 94 -1.12 -26.75 0.04
N PRO C 95 -2.33 -26.24 0.29
CA PRO C 95 -3.25 -26.55 1.40
C PRO C 95 -4.09 -27.80 1.13
N VAL C 96 -4.37 -28.60 2.15
CA VAL C 96 -5.23 -29.78 2.00
C VAL C 96 -6.61 -29.35 1.57
N THR C 97 -7.04 -29.79 0.40
CA THR C 97 -8.23 -29.23 -0.23
C THR C 97 -9.47 -30.13 -0.18
N PHE C 98 -10.61 -29.52 0.16
CA PHE C 98 -11.88 -30.25 0.17
C PHE C 98 -12.90 -29.42 -0.59
N HIS C 99 -13.83 -30.12 -1.26
CA HIS C 99 -14.95 -29.48 -1.95
C HIS C 99 -16.19 -29.73 -1.10
N PHE C 100 -16.83 -28.64 -0.66
CA PHE C 100 -18.06 -28.73 0.12
C PHE C 100 -19.17 -28.90 -0.87
N LEU C 101 -19.85 -30.05 -0.79
CA LEU C 101 -20.84 -30.37 -1.82
C LEU C 101 -22.00 -31.18 -1.26
N ALA C 102 -23.11 -31.20 -1.98
CA ALA C 102 -24.24 -32.06 -1.59
C ALA C 102 -23.97 -33.53 -1.91
N LYS C 103 -24.25 -34.40 -0.95
CA LYS C 103 -24.06 -35.85 -1.07
C LYS C 103 -25.42 -36.54 -1.16
N PHE C 104 -26.42 -35.94 -0.54
CA PHE C 104 -27.76 -36.48 -0.58
C PHE C 104 -28.70 -35.43 -1.10
N TYR C 105 -29.81 -35.90 -1.64
CA TYR C 105 -30.74 -34.98 -2.25
C TYR C 105 -32.10 -35.16 -1.60
N PRO C 106 -32.81 -34.05 -1.39
CA PRO C 106 -34.17 -34.17 -0.84
C PRO C 106 -35.10 -34.78 -1.85
N GLU C 107 -36.16 -35.39 -1.34
CA GLU C 107 -37.20 -35.90 -2.21
C GLU C 107 -37.97 -34.71 -2.72
N ASN C 108 -38.00 -33.63 -1.94
CA ASN C 108 -38.70 -32.43 -2.39
C ASN C 108 -38.02 -31.18 -1.90
N ALA C 109 -37.36 -30.50 -2.83
CA ALA C 109 -36.49 -29.36 -2.46
C ALA C 109 -37.27 -28.18 -1.90
N GLU C 110 -38.49 -27.97 -2.39
CA GLU C 110 -39.29 -26.82 -1.99
C GLU C 110 -39.59 -26.90 -0.48
N GLU C 111 -39.73 -28.10 0.05
CA GLU C 111 -40.08 -28.27 1.45
C GLU C 111 -38.86 -28.42 2.34
N GLU C 112 -37.83 -29.05 1.82
CA GLU C 112 -36.68 -29.43 2.64
C GLU C 112 -35.54 -28.42 2.59
N LEU C 113 -35.46 -27.60 1.53
CA LEU C 113 -34.40 -26.58 1.48
C LEU C 113 -34.95 -25.24 1.95
N VAL C 114 -34.68 -24.93 3.21
CA VAL C 114 -35.22 -23.75 3.86
C VAL C 114 -34.31 -22.54 3.79
N GLN C 115 -33.07 -22.71 4.26
CA GLN C 115 -32.12 -21.61 4.23
C GLN C 115 -31.75 -21.21 2.81
N GLU C 116 -31.59 -19.90 2.61
CA GLU C 116 -31.25 -19.34 1.31
C GLU C 116 -29.95 -19.90 0.75
N ILE C 117 -28.94 -20.06 1.60
CA ILE C 117 -27.64 -20.54 1.13
C ILE C 117 -27.79 -22.01 0.73
N THR C 118 -28.64 -22.74 1.45
CA THR C 118 -28.88 -24.14 1.15
C THR C 118 -29.51 -24.29 -0.23
N GLN C 119 -30.59 -23.55 -0.45
CA GLN C 119 -31.24 -23.54 -1.75
C GLN C 119 -30.25 -23.15 -2.85
N HIS C 120 -29.44 -22.14 -2.59
CA HIS C 120 -28.52 -21.59 -3.58
C HIS C 120 -27.38 -22.54 -3.96
N LEU C 121 -26.83 -23.26 -2.97
CA LEU C 121 -25.71 -24.15 -3.27
C LEU C 121 -26.17 -25.41 -4.00
N PHE C 122 -27.41 -25.86 -3.75
CA PHE C 122 -27.99 -26.95 -4.55
C PHE C 122 -28.22 -26.49 -5.99
N PHE C 123 -28.80 -25.31 -6.13
CA PHE C 123 -29.06 -24.75 -7.43
C PHE C 123 -27.78 -24.71 -8.27
N LEU C 124 -26.70 -24.18 -7.73
CA LEU C 124 -25.48 -24.07 -8.55
C LEU C 124 -24.91 -25.45 -8.88
N GLN C 125 -24.99 -26.40 -7.94
CA GLN C 125 -24.50 -27.76 -8.17
C GLN C 125 -25.33 -28.51 -9.23
N VAL C 126 -26.64 -28.37 -9.16
CA VAL C 126 -27.53 -29.06 -10.10
C VAL C 126 -27.38 -28.44 -11.48
N LYS C 127 -27.31 -27.12 -11.53
CA LYS C 127 -27.14 -26.43 -12.80
C LYS C 127 -25.88 -26.87 -13.51
N LYS C 128 -24.79 -27.02 -12.76
CA LYS C 128 -23.53 -27.42 -13.37
C LYS C 128 -23.61 -28.86 -13.89
N GLN C 129 -24.27 -29.73 -13.12
CA GLN C 129 -24.54 -31.10 -13.60
C GLN C 129 -25.31 -31.13 -14.92
N ILE C 130 -26.27 -30.22 -15.04
CA ILE C 130 -27.12 -30.18 -16.21
C ILE C 130 -26.32 -29.65 -17.38
N LEU C 131 -25.63 -28.55 -17.15
CA LEU C 131 -24.85 -27.91 -18.18
C LEU C 131 -23.67 -28.79 -18.58
N ASP C 132 -23.18 -29.61 -17.65
CA ASP C 132 -22.09 -30.53 -17.94
C ASP C 132 -22.58 -31.91 -18.43
N GLU C 133 -23.89 -32.08 -18.59
CA GLU C 133 -24.44 -33.33 -19.13
C GLU C 133 -24.14 -34.56 -18.29
N LYS C 134 -24.00 -34.33 -16.99
CA LYS C 134 -23.95 -35.39 -16.00
C LYS C 134 -25.37 -35.84 -15.70
N VAL C 135 -26.30 -34.90 -15.82
CA VAL C 135 -27.73 -35.20 -15.69
C VAL C 135 -28.42 -34.87 -17.00
N TYR C 136 -28.96 -35.90 -17.66
CA TYR C 136 -29.64 -35.71 -18.92
C TYR C 136 -30.78 -34.75 -18.73
N CYS C 137 -31.02 -33.99 -19.77
CA CYS C 137 -32.07 -33.02 -19.78
C CYS C 137 -32.75 -32.97 -21.15
N PRO C 138 -34.07 -33.16 -21.21
CA PRO C 138 -34.70 -32.97 -22.52
C PRO C 138 -34.55 -31.51 -22.99
N PRO C 139 -34.52 -31.27 -24.32
CA PRO C 139 -34.28 -29.93 -24.87
C PRO C 139 -35.18 -28.86 -24.27
N GLU C 140 -36.49 -29.12 -24.23
CA GLU C 140 -37.45 -28.12 -23.80
C GLU C 140 -37.30 -27.77 -22.32
N ALA C 141 -36.92 -28.76 -21.51
CA ALA C 141 -36.65 -28.50 -20.10
C ALA C 141 -35.40 -27.63 -20.00
N SER C 142 -34.43 -27.87 -20.88
CA SER C 142 -33.22 -27.05 -20.85
C SER C 142 -33.57 -25.60 -21.19
N VAL C 143 -34.53 -25.38 -22.09
CA VAL C 143 -34.89 -24.00 -22.40
C VAL C 143 -35.56 -23.40 -21.17
N LEU C 144 -36.48 -24.14 -20.54
CA LEU C 144 -37.21 -23.58 -19.39
C LEU C 144 -36.30 -23.34 -18.19
N LEU C 145 -35.39 -24.28 -17.94
CA LEU C 145 -34.40 -24.14 -16.87
C LEU C 145 -33.52 -22.91 -17.12
N ALA C 146 -33.04 -22.78 -18.34
CA ALA C 146 -32.24 -21.62 -18.69
C ALA C 146 -32.96 -20.32 -18.37
N SER C 147 -34.26 -20.25 -18.68
CA SER C 147 -34.99 -19.00 -18.47
C SER C 147 -35.13 -18.63 -16.99
N TYR C 148 -35.28 -19.63 -16.11
CA TYR C 148 -35.34 -19.33 -14.68
C TYR C 148 -33.96 -18.94 -14.15
N ALA C 149 -32.92 -19.56 -14.70
CA ALA C 149 -31.56 -19.24 -14.31
C ALA C 149 -31.22 -17.78 -14.64
N VAL C 150 -31.62 -17.30 -15.81
CA VAL C 150 -31.27 -15.92 -16.13
C VAL C 150 -32.11 -14.96 -15.27
N GLN C 151 -33.32 -15.37 -14.90
CA GLN C 151 -34.15 -14.58 -14.00
C GLN C 151 -33.50 -14.46 -12.60
N ALA C 152 -32.82 -15.52 -12.20
CA ALA C 152 -32.20 -15.55 -10.88
C ALA C 152 -30.96 -14.66 -10.85
N LYS C 153 -30.26 -14.58 -11.97
CA LYS C 153 -28.99 -13.86 -12.10
C LYS C 153 -29.13 -12.37 -12.43
N TYR C 154 -29.97 -12.06 -13.41
CA TYR C 154 -30.09 -10.71 -13.93
C TYR C 154 -31.27 -9.93 -13.35
N GLY C 155 -32.07 -10.59 -12.53
CA GLY C 155 -33.31 -10.01 -12.05
C GLY C 155 -34.35 -9.90 -13.16
N ASP C 156 -35.41 -9.13 -12.93
CA ASP C 156 -36.49 -8.97 -13.91
C ASP C 156 -36.04 -8.51 -15.28
N TYR C 157 -36.83 -8.83 -16.30
CA TYR C 157 -36.54 -8.40 -17.66
C TYR C 157 -36.94 -6.95 -17.85
N ASP C 158 -36.05 -6.21 -18.51
CA ASP C 158 -36.35 -4.86 -18.98
C ASP C 158 -35.61 -4.67 -20.29
N PRO C 159 -36.35 -4.66 -21.40
CA PRO C 159 -35.80 -4.63 -22.76
C PRO C 159 -34.88 -3.44 -23.00
N SER C 160 -35.01 -2.40 -22.17
CA SER C 160 -34.16 -1.23 -22.26
C SER C 160 -32.83 -1.47 -21.54
N VAL C 161 -32.82 -2.44 -20.62
CA VAL C 161 -31.60 -2.77 -19.90
C VAL C 161 -30.92 -3.98 -20.52
N HIS C 162 -31.68 -5.06 -20.66
CA HIS C 162 -31.18 -6.29 -21.25
C HIS C 162 -31.48 -6.33 -22.74
N LYS C 163 -30.70 -5.58 -23.52
CA LYS C 163 -30.91 -5.50 -24.98
C LYS C 163 -30.33 -6.71 -25.71
N ARG C 164 -30.73 -6.90 -26.97
CA ARG C 164 -30.29 -8.04 -27.78
C ARG C 164 -28.79 -8.34 -27.67
N GLY C 165 -28.47 -9.62 -27.51
CA GLY C 165 -27.10 -10.07 -27.47
C GLY C 165 -26.51 -10.10 -26.08
N PHE C 166 -27.32 -9.77 -25.08
CA PHE C 166 -26.83 -9.68 -23.72
C PHE C 166 -26.58 -11.05 -23.10
N LEU C 167 -27.02 -12.10 -23.77
CA LEU C 167 -26.75 -13.44 -23.28
C LEU C 167 -25.72 -14.14 -24.17
N ALA C 168 -25.01 -13.35 -24.97
CA ALA C 168 -24.11 -13.90 -25.98
C ALA C 168 -22.97 -14.70 -25.37
N GLN C 169 -22.43 -14.24 -24.24
CA GLN C 169 -21.30 -14.93 -23.65
C GLN C 169 -21.73 -15.64 -22.38
N GLU C 170 -22.96 -16.15 -22.41
CA GLU C 170 -23.51 -16.95 -21.33
C GLU C 170 -23.60 -18.44 -21.66
N GLU C 171 -23.57 -19.27 -20.62
CA GLU C 171 -23.73 -20.70 -20.78
C GLU C 171 -25.11 -21.05 -20.25
N LEU C 172 -26.08 -21.15 -21.15
CA LEU C 172 -27.46 -21.39 -20.73
C LEU C 172 -28.01 -22.78 -21.10
N LEU C 173 -27.42 -23.42 -22.11
CA LEU C 173 -27.91 -24.73 -22.57
C LEU C 173 -26.78 -25.77 -22.65
N PRO C 174 -27.11 -27.06 -22.38
CA PRO C 174 -26.14 -28.13 -22.67
C PRO C 174 -25.80 -28.12 -24.15
N LYS C 175 -24.55 -28.41 -24.53
CA LYS C 175 -24.19 -28.49 -25.95
C LYS C 175 -24.98 -29.58 -26.67
N ARG C 176 -25.42 -30.58 -25.93
CA ARG C 176 -26.23 -31.66 -26.51
C ARG C 176 -27.48 -31.11 -27.14
N VAL C 177 -28.10 -30.13 -26.51
CA VAL C 177 -29.34 -29.63 -27.07
C VAL C 177 -29.10 -28.68 -28.23
N ILE C 178 -27.99 -27.95 -28.23
CA ILE C 178 -27.72 -27.07 -29.35
C ILE C 178 -27.28 -27.85 -30.61
N ASN C 179 -26.78 -29.07 -30.42
CA ASN C 179 -26.47 -29.97 -31.53
C ASN C 179 -27.67 -30.79 -32.04
N LEU C 180 -28.88 -30.46 -31.60
CA LEU C 180 -30.08 -31.19 -32.04
C LEU C 180 -30.97 -30.34 -32.95
N TYR C 181 -30.65 -29.05 -33.06
CA TYR C 181 -31.51 -28.12 -33.76
C TYR C 181 -30.74 -27.23 -34.74
N GLN C 182 -31.38 -26.83 -35.82
CA GLN C 182 -30.80 -25.86 -36.74
C GLN C 182 -31.07 -24.43 -36.27
N MET C 183 -30.62 -24.12 -35.06
CA MET C 183 -30.94 -22.83 -34.43
C MET C 183 -29.66 -22.04 -34.15
N THR C 184 -29.69 -20.75 -34.42
CA THR C 184 -28.55 -19.88 -34.13
C THR C 184 -28.60 -19.40 -32.67
N PRO C 185 -27.47 -18.93 -32.14
CA PRO C 185 -27.42 -18.36 -30.78
C PRO C 185 -28.45 -17.25 -30.51
N GLU C 186 -28.63 -16.33 -31.44
CA GLU C 186 -29.57 -15.24 -31.28
C GLU C 186 -30.97 -15.82 -31.22
N MET C 187 -31.20 -16.89 -31.97
CA MET C 187 -32.49 -17.55 -31.97
C MET C 187 -32.78 -18.17 -30.59
N TRP C 188 -31.81 -18.93 -30.07
CA TRP C 188 -31.95 -19.50 -28.73
C TRP C 188 -32.20 -18.39 -27.72
N GLU C 189 -31.47 -17.27 -27.86
CA GLU C 189 -31.60 -16.19 -26.91
C GLU C 189 -32.95 -15.49 -26.99
N GLU C 190 -33.57 -15.48 -28.16
CA GLU C 190 -34.90 -14.90 -28.31
C GLU C 190 -35.92 -15.79 -27.60
N ARG C 191 -35.79 -17.09 -27.76
CA ARG C 191 -36.71 -18.00 -27.09
C ARG C 191 -36.49 -18.04 -25.58
N ILE C 192 -35.23 -18.06 -25.15
CA ILE C 192 -34.95 -18.06 -23.71
C ILE C 192 -35.45 -16.76 -23.04
N THR C 193 -35.25 -15.63 -23.73
CA THR C 193 -35.70 -14.31 -23.26
C THR C 193 -37.23 -14.23 -23.19
N ALA C 194 -37.88 -14.82 -24.17
CA ALA C 194 -39.34 -14.81 -24.20
C ALA C 194 -39.86 -15.46 -22.95
N TRP C 195 -39.28 -16.60 -22.59
CA TRP C 195 -39.66 -17.25 -21.35
C TRP C 195 -39.14 -16.50 -20.15
N TYR C 196 -37.94 -15.94 -20.28
CA TYR C 196 -37.38 -15.08 -19.23
C TYR C 196 -38.38 -13.98 -18.86
N ALA C 197 -38.96 -13.32 -19.85
CA ALA C 197 -39.90 -12.23 -19.60
C ALA C 197 -41.13 -12.69 -18.83
N GLU C 198 -41.41 -13.98 -18.86
CA GLU C 198 -42.57 -14.52 -18.15
C GLU C 198 -42.34 -14.68 -16.66
N HIS C 199 -41.09 -14.48 -16.21
CA HIS C 199 -40.72 -14.74 -14.82
C HIS C 199 -40.62 -13.43 -14.05
N ARG C 200 -41.38 -12.45 -14.52
CA ARG C 200 -41.37 -11.12 -13.91
C ARG C 200 -41.92 -11.21 -12.49
N GLY C 201 -41.20 -10.62 -11.55
CA GLY C 201 -41.65 -10.64 -10.17
C GLY C 201 -40.87 -11.64 -9.33
N ARG C 202 -40.15 -12.55 -9.97
CA ARG C 202 -39.41 -13.57 -9.23
C ARG C 202 -38.11 -13.07 -8.66
N ALA C 203 -37.99 -13.09 -7.34
CA ALA C 203 -36.71 -12.80 -6.70
C ALA C 203 -35.74 -13.93 -7.03
N ARG C 204 -34.46 -13.72 -6.73
CA ARG C 204 -33.44 -14.73 -6.98
C ARG C 204 -33.80 -16.13 -6.45
N ASP C 205 -34.07 -16.22 -5.15
CA ASP C 205 -34.36 -17.51 -4.53
C ASP C 205 -35.61 -18.22 -5.08
N GLU C 206 -36.66 -17.47 -5.40
CA GLU C 206 -37.88 -18.06 -5.95
C GLU C 206 -37.57 -18.67 -7.30
N ALA C 207 -36.70 -17.99 -8.02
CA ALA C 207 -36.32 -18.40 -9.34
C ALA C 207 -35.45 -19.65 -9.27
N GLU C 208 -34.50 -19.63 -8.34
CA GLU C 208 -33.62 -20.77 -8.13
C GLU C 208 -34.40 -21.99 -7.72
N MET C 209 -35.42 -21.78 -6.87
CA MET C 209 -36.26 -22.86 -6.37
C MET C 209 -37.12 -23.47 -7.49
N GLU C 210 -37.62 -22.60 -8.37
CA GLU C 210 -38.36 -23.06 -9.51
C GLU C 210 -37.47 -23.91 -10.42
N TYR C 211 -36.21 -23.50 -10.58
CA TYR C 211 -35.20 -24.25 -11.32
C TYR C 211 -35.03 -25.67 -10.78
N LEU C 212 -34.89 -25.77 -9.48
CA LEU C 212 -34.74 -27.05 -8.79
C LEU C 212 -36.03 -27.88 -8.89
N LYS C 213 -37.19 -27.22 -8.91
CA LYS C 213 -38.48 -27.93 -9.01
C LYS C 213 -38.58 -28.70 -10.32
N ILE C 214 -37.97 -28.17 -11.36
CA ILE C 214 -37.95 -28.85 -12.67
C ILE C 214 -36.85 -29.91 -12.72
N ALA C 215 -35.64 -29.55 -12.27
CA ALA C 215 -34.49 -30.46 -12.30
C ALA C 215 -34.77 -31.68 -11.47
N GLN C 216 -35.60 -31.47 -10.48
CA GLN C 216 -35.95 -32.49 -9.50
C GLN C 216 -36.68 -33.65 -10.15
N ASP C 217 -37.41 -33.35 -11.20
CA ASP C 217 -38.22 -34.39 -11.84
C ASP C 217 -37.42 -35.12 -12.91
N LEU C 218 -36.21 -34.66 -13.20
CA LEU C 218 -35.37 -35.34 -14.20
C LEU C 218 -35.02 -36.73 -13.70
N GLU C 219 -34.98 -37.68 -14.62
CA GLU C 219 -34.81 -39.12 -14.30
C GLU C 219 -33.46 -39.42 -13.68
N MET C 220 -32.45 -38.63 -14.03
CA MET C 220 -31.11 -38.83 -13.51
C MET C 220 -30.81 -37.93 -12.33
N TYR C 221 -31.75 -37.07 -11.95
CA TYR C 221 -31.48 -36.17 -10.87
C TYR C 221 -31.19 -36.94 -9.59
N GLY C 222 -30.03 -36.68 -9.00
CA GLY C 222 -29.75 -37.20 -7.69
C GLY C 222 -29.36 -38.67 -7.65
N VAL C 223 -29.02 -39.26 -8.79
CA VAL C 223 -28.67 -40.67 -8.70
C VAL C 223 -27.16 -40.91 -8.82
N ASN C 224 -26.67 -41.72 -7.91
CA ASN C 224 -25.30 -42.16 -7.90
C ASN C 224 -25.24 -43.48 -8.67
N TYR C 225 -24.46 -43.53 -9.75
CA TYR C 225 -24.42 -44.71 -10.61
C TYR C 225 -23.16 -45.52 -10.37
N PHE C 226 -23.29 -46.84 -10.32
CA PHE C 226 -22.12 -47.72 -10.16
C PHE C 226 -22.20 -48.92 -11.08
N THR C 227 -21.09 -49.27 -11.70
CA THR C 227 -21.06 -50.46 -12.56
C THR C 227 -21.00 -51.70 -11.68
N ILE C 228 -21.87 -52.66 -12.00
CA ILE C 228 -21.98 -53.90 -11.25
C ILE C 228 -22.17 -55.06 -12.22
N ARG C 229 -22.19 -56.27 -11.66
CA ARG C 229 -22.54 -57.46 -12.43
C ARG C 229 -23.51 -58.33 -11.63
N ASN C 230 -24.59 -58.79 -12.28
CA ASN C 230 -25.48 -59.72 -11.60
C ASN C 230 -24.86 -61.11 -11.50
N LYS C 231 -25.61 -62.03 -10.89
CA LYS C 231 -25.14 -63.37 -10.56
C LYS C 231 -24.80 -64.17 -11.82
N LYS C 232 -25.49 -63.89 -12.91
CA LYS C 232 -25.23 -64.56 -14.18
C LYS C 232 -24.03 -63.97 -14.92
N GLY C 233 -23.45 -62.90 -14.35
CA GLY C 233 -22.31 -62.25 -14.95
C GLY C 233 -22.64 -61.08 -15.85
N THR C 234 -23.93 -60.77 -15.98
CA THR C 234 -24.37 -59.67 -16.83
C THR C 234 -24.00 -58.32 -16.22
N GLU C 235 -23.37 -57.45 -17.01
CA GLU C 235 -23.00 -56.10 -16.53
C GLU C 235 -24.22 -55.19 -16.48
N LEU C 236 -24.41 -54.56 -15.34
CA LEU C 236 -25.53 -53.66 -15.15
C LEU C 236 -25.00 -52.44 -14.42
N LEU C 237 -25.89 -51.49 -14.19
CA LEU C 237 -25.61 -50.32 -13.40
C LEU C 237 -26.47 -50.34 -12.14
N LEU C 238 -25.87 -50.00 -11.01
CA LEU C 238 -26.64 -49.75 -9.81
C LEU C 238 -26.89 -48.25 -9.67
N GLY C 239 -28.14 -47.88 -9.41
CA GLY C 239 -28.46 -46.49 -9.10
C GLY C 239 -28.85 -46.38 -7.64
N VAL C 240 -28.17 -45.50 -6.90
CA VAL C 240 -28.48 -45.23 -5.50
C VAL C 240 -28.99 -43.80 -5.32
N ASP C 241 -30.25 -43.63 -4.94
CA ASP C 241 -30.74 -42.30 -4.69
C ASP C 241 -31.65 -42.21 -3.45
N ALA C 242 -32.32 -41.06 -3.30
CA ALA C 242 -33.13 -40.75 -2.12
C ALA C 242 -34.41 -41.60 -2.01
N LEU C 243 -34.83 -42.22 -3.11
CA LEU C 243 -36.08 -42.98 -3.12
C LEU C 243 -35.78 -44.48 -2.97
N GLY C 244 -34.60 -44.91 -3.38
CA GLY C 244 -34.25 -46.32 -3.22
C GLY C 244 -33.03 -46.80 -3.96
N LEU C 245 -32.97 -48.10 -4.16
CA LEU C 245 -31.95 -48.72 -5.00
C LEU C 245 -32.56 -49.09 -6.36
N HIS C 246 -31.78 -48.93 -7.41
CA HIS C 246 -32.27 -49.18 -8.76
C HIS C 246 -31.25 -49.93 -9.59
N ILE C 247 -31.74 -50.82 -10.46
CA ILE C 247 -30.91 -51.59 -11.37
C ILE C 247 -31.24 -51.22 -12.82
N TYR C 248 -30.21 -50.85 -13.58
CA TYR C 248 -30.36 -50.36 -14.95
C TYR C 248 -29.69 -51.23 -16.00
N ASP C 249 -30.20 -51.19 -17.23
CA ASP C 249 -29.42 -51.60 -18.39
C ASP C 249 -28.37 -50.54 -18.63
N PRO C 250 -27.11 -50.96 -18.79
CA PRO C 250 -25.97 -50.02 -18.87
C PRO C 250 -26.17 -48.95 -19.92
N GLU C 251 -26.97 -49.26 -20.93
CA GLU C 251 -27.19 -48.29 -22.01
C GLU C 251 -28.39 -47.39 -21.76
N ASN C 252 -29.01 -47.56 -20.60
CA ASN C 252 -30.19 -46.78 -20.29
C ASN C 252 -30.15 -46.35 -18.82
N ARG C 253 -29.66 -45.13 -18.58
CA ARG C 253 -29.56 -44.55 -17.24
C ARG C 253 -30.83 -43.84 -16.80
N LEU C 254 -31.80 -43.77 -17.70
CA LEU C 254 -33.06 -43.05 -17.43
C LEU C 254 -34.15 -43.87 -16.81
N THR C 255 -34.28 -45.13 -17.23
CA THR C 255 -35.42 -45.94 -16.81
C THR C 255 -34.92 -47.26 -16.25
N PRO C 256 -35.08 -47.46 -14.94
CA PRO C 256 -34.55 -48.67 -14.31
C PRO C 256 -35.28 -49.92 -14.74
N LYS C 257 -34.56 -51.03 -14.81
CA LYS C 257 -35.20 -52.31 -15.05
C LYS C 257 -35.89 -52.73 -13.76
N ILE C 258 -35.21 -52.51 -12.64
CA ILE C 258 -35.70 -52.90 -11.32
C ILE C 258 -35.55 -51.77 -10.29
N SER C 259 -36.59 -51.53 -9.49
CA SER C 259 -36.52 -50.58 -8.37
C SER C 259 -36.89 -51.19 -7.05
N PHE C 260 -36.13 -50.81 -6.04
CA PHE C 260 -36.40 -51.18 -4.65
C PHE C 260 -36.54 -49.93 -3.82
N PRO C 261 -37.78 -49.50 -3.53
CA PRO C 261 -37.99 -48.39 -2.59
C PRO C 261 -37.35 -48.68 -1.24
N TRP C 262 -36.88 -47.64 -0.56
CA TRP C 262 -36.16 -47.85 0.69
C TRP C 262 -37.04 -48.52 1.75
N ASN C 263 -38.35 -48.26 1.70
CA ASN C 263 -39.25 -48.82 2.72
C ASN C 263 -39.65 -50.24 2.37
N GLU C 264 -39.31 -50.65 1.15
CA GLU C 264 -39.56 -52.00 0.66
C GLU C 264 -38.32 -52.86 0.77
N ILE C 265 -37.33 -52.38 1.54
CA ILE C 265 -36.09 -53.12 1.74
C ILE C 265 -35.92 -53.51 3.21
N ARG C 266 -35.61 -54.77 3.45
CA ARG C 266 -35.35 -55.29 4.80
C ARG C 266 -33.90 -55.06 5.21
N ASN C 267 -33.00 -55.39 4.30
CA ASN C 267 -31.58 -55.24 4.59
C ASN C 267 -30.73 -55.29 3.32
N ILE C 268 -29.56 -54.66 3.41
CA ILE C 268 -28.55 -54.73 2.37
C ILE C 268 -27.31 -55.31 2.99
N SER C 269 -26.90 -56.49 2.52
CA SER C 269 -25.75 -57.16 3.08
C SER C 269 -24.56 -57.01 2.15
N TYR C 270 -23.38 -56.91 2.75
CA TYR C 270 -22.16 -56.85 1.98
C TYR C 270 -21.17 -57.90 2.45
N SER C 271 -20.61 -58.66 1.51
CA SER C 271 -19.53 -59.58 1.83
C SER C 271 -18.56 -59.66 0.66
N ASP C 272 -17.28 -59.46 0.94
CA ASP C 272 -16.24 -59.55 -0.09
C ASP C 272 -16.48 -58.55 -1.20
N LYS C 273 -16.84 -59.06 -2.37
CA LYS C 273 -17.18 -58.22 -3.48
C LYS C 273 -18.67 -58.32 -3.80
N GLU C 274 -19.46 -58.79 -2.84
CA GLU C 274 -20.85 -59.11 -3.17
C GLU C 274 -21.89 -58.38 -2.33
N PHE C 275 -22.85 -57.76 -3.02
CA PHE C 275 -23.97 -57.13 -2.35
C PHE C 275 -25.20 -58.03 -2.44
N THR C 276 -26.02 -58.04 -1.40
CA THR C 276 -27.31 -58.73 -1.46
C THR C 276 -28.39 -57.79 -0.97
N ILE C 277 -29.38 -57.61 -1.81
CA ILE C 277 -30.54 -56.82 -1.42
C ILE C 277 -31.65 -57.75 -0.95
N LYS C 278 -31.99 -57.69 0.33
CA LYS C 278 -33.05 -58.53 0.86
C LYS C 278 -34.30 -57.69 1.06
N PRO C 279 -35.31 -57.90 0.21
CA PRO C 279 -36.53 -57.12 0.24
C PRO C 279 -37.52 -57.49 1.34
N LEU C 280 -38.31 -56.52 1.76
CA LEU C 280 -39.51 -56.80 2.52
C LEU C 280 -40.34 -57.56 1.50
N ASP C 281 -41.30 -58.35 1.99
CA ASP C 281 -42.07 -59.27 1.15
C ASP C 281 -41.16 -60.45 0.83
N LYS C 282 -41.30 -61.49 1.65
CA LYS C 282 -40.42 -62.64 1.61
C LYS C 282 -40.56 -63.40 0.29
N LYS C 283 -41.69 -63.19 -0.39
CA LYS C 283 -41.99 -63.89 -1.62
C LYS C 283 -41.18 -63.36 -2.82
N ILE C 284 -40.67 -62.15 -2.71
CA ILE C 284 -39.85 -61.55 -3.76
C ILE C 284 -38.41 -62.03 -3.61
N ASP C 285 -37.81 -62.54 -4.69
CA ASP C 285 -36.44 -63.06 -4.65
C ASP C 285 -35.42 -62.03 -4.16
N VAL C 286 -34.32 -62.53 -3.62
CA VAL C 286 -33.24 -61.70 -3.14
C VAL C 286 -32.43 -61.28 -4.37
N PHE C 287 -31.82 -60.09 -4.35
CA PHE C 287 -31.05 -59.64 -5.49
C PHE C 287 -29.59 -59.51 -5.12
N LYS C 288 -28.74 -60.30 -5.75
CA LYS C 288 -27.31 -60.27 -5.49
C LYS C 288 -26.59 -59.68 -6.68
N PHE C 289 -25.48 -59.01 -6.43
CA PHE C 289 -24.62 -58.49 -7.50
C PHE C 289 -23.22 -58.26 -6.99
N ASN C 290 -22.27 -58.19 -7.91
CA ASN C 290 -20.88 -58.02 -7.52
C ASN C 290 -20.36 -56.65 -7.95
N SER C 291 -19.45 -56.11 -7.16
CA SER C 291 -18.73 -54.89 -7.50
C SER C 291 -17.27 -55.07 -7.10
N SER C 292 -16.36 -54.73 -8.00
CA SER C 292 -14.96 -55.12 -7.82
C SER C 292 -14.10 -54.16 -6.98
N LYS C 293 -14.14 -52.87 -7.26
CA LYS C 293 -13.26 -51.93 -6.56
C LYS C 293 -13.73 -51.69 -5.12
N LEU C 294 -12.88 -52.04 -4.16
CA LEU C 294 -13.25 -51.97 -2.75
C LEU C 294 -13.44 -50.52 -2.29
N ARG C 295 -12.76 -49.57 -2.95
CA ARG C 295 -12.98 -48.17 -2.67
C ARG C 295 -14.42 -47.81 -2.98
N VAL C 296 -14.90 -48.25 -4.13
CA VAL C 296 -16.24 -47.92 -4.58
C VAL C 296 -17.29 -48.53 -3.67
N ASN C 297 -17.05 -49.76 -3.20
CA ASN C 297 -18.04 -50.44 -2.37
C ASN C 297 -18.33 -49.77 -1.06
N LYS C 298 -17.31 -49.17 -0.47
CA LYS C 298 -17.51 -48.45 0.79
C LYS C 298 -18.40 -47.24 0.54
N LEU C 299 -18.15 -46.55 -0.56
CA LEU C 299 -18.94 -45.41 -0.92
C LEU C 299 -20.39 -45.85 -1.14
N ILE C 300 -20.59 -47.00 -1.79
CA ILE C 300 -21.96 -47.45 -2.05
C ILE C 300 -22.73 -47.60 -0.76
N LEU C 301 -22.06 -48.20 0.22
CA LEU C 301 -22.64 -48.45 1.53
C LEU C 301 -22.96 -47.17 2.28
N GLN C 302 -22.03 -46.20 2.26
CA GLN C 302 -22.32 -44.87 2.84
C GLN C 302 -23.59 -44.27 2.25
N LEU C 303 -23.70 -44.33 0.94
CA LEU C 303 -24.81 -43.71 0.22
C LEU C 303 -26.13 -44.37 0.51
N CYS C 304 -26.09 -45.69 0.68
CA CYS C 304 -27.25 -46.49 1.02
C CYS C 304 -27.73 -46.15 2.42
N ILE C 305 -26.79 -46.14 3.36
CA ILE C 305 -27.11 -45.89 4.76
C ILE C 305 -27.71 -44.49 4.89
N GLY C 306 -27.02 -43.50 4.32
CA GLY C 306 -27.50 -42.14 4.40
C GLY C 306 -28.86 -41.94 3.76
N ASN C 307 -29.05 -42.46 2.54
CA ASN C 307 -30.31 -42.28 1.84
C ASN C 307 -31.44 -43.04 2.56
N HIS C 308 -31.16 -44.24 3.03
CA HIS C 308 -32.16 -44.95 3.83
C HIS C 308 -32.55 -44.14 5.09
N ASP C 309 -31.58 -43.60 5.82
CA ASP C 309 -31.93 -42.81 7.00
C ASP C 309 -32.79 -41.58 6.67
N LEU C 310 -32.36 -40.81 5.68
CA LEU C 310 -33.09 -39.60 5.31
C LEU C 310 -34.49 -39.95 4.84
N PHE C 311 -34.60 -41.08 4.14
CA PHE C 311 -35.89 -41.52 3.66
C PHE C 311 -36.82 -41.79 4.85
N MET C 312 -36.29 -42.48 5.84
CA MET C 312 -37.10 -42.85 6.99
C MET C 312 -37.44 -41.65 7.85
N ARG C 313 -36.49 -40.74 8.04
CA ARG C 313 -36.71 -39.59 8.91
C ARG C 313 -37.78 -38.67 8.35
N ARG C 314 -37.98 -38.68 7.03
CA ARG C 314 -39.07 -37.91 6.41
C ARG C 314 -40.43 -38.64 6.56
N ARG C 315 -40.41 -39.89 7.00
CA ARG C 315 -41.64 -40.68 7.13
C ARG C 315 -42.08 -40.85 8.60
N LYS C 316 -41.42 -40.13 9.51
CA LYS C 316 -41.77 -40.23 10.93
C LYS C 316 -41.78 -38.87 11.65
N ALA C 317 -41.15 -38.81 12.83
CA ALA C 317 -41.26 -37.67 13.75
C ALA C 317 -40.81 -36.33 13.17
N PRO D 23 60.63 19.87 3.56
CA PRO D 23 60.34 18.65 2.80
C PRO D 23 61.15 18.53 1.51
N LYS D 24 61.80 17.40 1.32
CA LYS D 24 62.52 17.11 0.08
C LYS D 24 61.49 16.83 -1.02
N THR D 25 61.52 17.58 -2.12
CA THR D 25 60.50 17.41 -3.15
C THR D 25 61.06 17.13 -4.55
N PHE D 26 60.19 16.63 -5.43
CA PHE D 26 60.47 16.57 -6.86
C PHE D 26 59.22 17.02 -7.61
N THR D 27 59.41 17.78 -8.70
CA THR D 27 58.27 18.38 -9.38
C THR D 27 57.59 17.41 -10.35
N VAL D 28 56.27 17.36 -10.33
CA VAL D 28 55.54 16.66 -11.38
C VAL D 28 54.63 17.63 -12.09
N ARG D 29 54.45 17.41 -13.37
CA ARG D 29 53.49 18.18 -14.15
C ARG D 29 52.26 17.32 -14.34
N ILE D 30 51.10 17.90 -14.03
CA ILE D 30 49.83 17.22 -14.25
C ILE D 30 49.15 17.90 -15.43
N VAL D 31 48.93 17.14 -16.50
CA VAL D 31 48.23 17.68 -17.67
C VAL D 31 46.79 17.17 -17.72
N THR D 32 45.82 18.10 -17.72
CA THR D 32 44.41 17.79 -17.91
C THR D 32 43.96 18.18 -19.32
N MET D 33 42.70 17.94 -19.65
CA MET D 33 42.20 18.22 -21.01
C MET D 33 42.23 19.70 -21.38
N ASP D 34 42.11 20.57 -20.39
CA ASP D 34 42.13 22.01 -20.67
C ASP D 34 43.21 22.81 -19.90
N ALA D 35 44.01 22.15 -19.07
CA ALA D 35 45.01 22.87 -18.27
C ALA D 35 46.26 22.08 -17.92
N GLU D 36 47.22 22.75 -17.30
CA GLU D 36 48.44 22.13 -16.76
C GLU D 36 48.68 22.59 -15.33
N MET D 37 49.05 21.64 -14.49
CA MET D 37 49.31 21.94 -13.11
C MET D 37 50.69 21.41 -12.74
N GLU D 38 51.27 21.97 -11.70
CA GLU D 38 52.60 21.59 -11.23
C GLU D 38 52.56 21.43 -9.72
N PHE D 39 53.06 20.30 -9.24
CA PHE D 39 53.04 20.00 -7.83
C PHE D 39 54.45 19.65 -7.37
N ASN D 40 54.76 20.00 -6.12
CA ASN D 40 56.02 19.62 -5.50
C ASN D 40 55.72 18.48 -4.58
N CYS D 41 56.15 17.29 -5.00
CA CYS D 41 55.77 16.05 -4.36
C CYS D 41 56.90 15.45 -3.53
N GLU D 42 56.62 15.07 -2.30
CA GLU D 42 57.59 14.41 -1.41
C GLU D 42 58.00 13.01 -1.89
N MET D 43 59.25 12.65 -1.64
CA MET D 43 59.87 11.44 -2.18
C MET D 43 59.08 10.19 -1.81
N LYS D 44 58.31 10.30 -0.73
CA LYS D 44 57.55 9.16 -0.21
C LYS D 44 56.07 9.15 -0.62
N TRP D 45 55.65 10.13 -1.40
CA TRP D 45 54.24 10.20 -1.78
C TRP D 45 53.84 8.99 -2.59
N LYS D 46 52.71 8.42 -2.24
CA LYS D 46 52.13 7.33 -3.00
C LYS D 46 51.27 7.95 -4.12
N GLY D 47 50.71 7.13 -5.00
CA GLY D 47 49.81 7.61 -6.04
C GLY D 47 48.59 8.35 -5.50
N LYS D 48 48.06 7.82 -4.39
CA LYS D 48 46.93 8.41 -3.64
C LYS D 48 47.13 9.88 -3.20
N ASP D 49 48.31 10.22 -2.68
CA ASP D 49 48.59 11.62 -2.28
C ASP D 49 48.55 12.57 -3.45
N LEU D 50 49.15 12.14 -4.56
CA LEU D 50 49.18 12.91 -5.80
C LEU D 50 47.79 12.96 -6.48
N PHE D 51 47.09 11.83 -6.50
CA PHE D 51 45.79 11.79 -7.15
C PHE D 51 44.71 12.59 -6.39
N ASP D 52 44.64 12.43 -5.07
CA ASP D 52 43.66 13.14 -4.22
C ASP D 52 43.85 14.64 -4.27
N LEU D 53 45.11 15.05 -4.35
CA LEU D 53 45.49 16.46 -4.43
C LEU D 53 45.03 17.09 -5.73
N VAL D 54 45.25 16.35 -6.82
CA VAL D 54 44.83 16.82 -8.14
C VAL D 54 43.31 16.97 -8.16
N CYS D 55 42.61 15.95 -7.66
CA CYS D 55 41.14 15.99 -7.67
C CYS D 55 40.59 17.12 -6.80
N ARG D 56 41.19 17.34 -5.62
CA ARG D 56 40.76 18.45 -4.76
C ARG D 56 41.01 19.81 -5.41
N THR D 57 42.15 19.96 -6.07
CA THR D 57 42.48 21.20 -6.76
C THR D 57 41.40 21.51 -7.81
N LEU D 58 40.90 20.47 -8.46
CA LEU D 58 39.84 20.59 -9.46
C LEU D 58 38.43 20.72 -8.85
N GLY D 59 38.28 20.38 -7.58
CA GLY D 59 36.95 20.32 -6.96
C GLY D 59 36.20 19.13 -7.53
N LEU D 60 36.95 18.11 -7.90
CA LEU D 60 36.36 16.94 -8.56
C LEU D 60 36.05 15.90 -7.51
N ARG D 61 34.79 15.49 -7.45
CA ARG D 61 34.33 14.56 -6.43
C ARG D 61 34.17 13.12 -6.90
N GLU D 62 33.85 12.94 -8.18
CA GLU D 62 33.66 11.61 -8.75
C GLU D 62 35.00 11.07 -9.18
N THR D 63 35.89 10.86 -8.23
CA THR D 63 37.28 10.54 -8.53
C THR D 63 37.42 9.13 -9.12
N TRP D 64 36.43 8.28 -8.87
CA TRP D 64 36.53 6.87 -9.29
C TRP D 64 36.53 6.66 -10.79
N PHE D 65 36.11 7.66 -11.56
CA PHE D 65 36.20 7.55 -13.02
C PHE D 65 37.60 7.89 -13.53
N PHE D 66 38.42 8.57 -12.72
CA PHE D 66 39.63 9.18 -13.27
C PHE D 66 40.92 8.54 -12.80
N GLY D 67 42.02 8.87 -13.45
CA GLY D 67 43.28 8.30 -13.04
C GLY D 67 44.39 9.16 -13.56
N LEU D 68 45.62 8.86 -13.15
CA LEU D 68 46.78 9.57 -13.65
C LEU D 68 47.57 8.68 -14.58
N GLN D 69 47.73 9.16 -15.80
CA GLN D 69 48.22 8.33 -16.87
C GLN D 69 49.58 8.77 -17.35
N TYR D 70 50.39 7.78 -17.70
CA TYR D 70 51.61 8.02 -18.44
C TYR D 70 51.79 6.84 -19.42
N THR D 71 52.68 6.97 -20.39
CA THR D 71 52.84 5.92 -21.38
C THR D 71 54.28 5.37 -21.41
N ILE D 72 54.40 4.06 -21.19
CA ILE D 72 55.67 3.38 -21.24
C ILE D 72 55.72 2.52 -22.50
N LYS D 73 56.79 2.66 -23.28
CA LYS D 73 56.90 1.99 -24.56
C LYS D 73 55.72 2.37 -25.42
N ASP D 74 54.88 1.41 -25.76
CA ASP D 74 53.72 1.72 -26.55
C ASP D 74 52.45 1.61 -25.70
N THR D 75 52.62 1.18 -24.45
CA THR D 75 51.48 0.91 -23.59
C THR D 75 51.28 1.95 -22.50
N VAL D 76 50.04 2.41 -22.35
CA VAL D 76 49.67 3.36 -21.32
C VAL D 76 49.67 2.64 -19.97
N ALA D 77 49.96 3.37 -18.91
CA ALA D 77 49.84 2.81 -17.57
C ALA D 77 49.22 3.83 -16.60
N TRP D 78 48.54 3.34 -15.58
CA TRP D 78 47.94 4.23 -14.61
C TRP D 78 48.65 4.12 -13.24
N LEU D 79 48.79 5.27 -12.57
CA LEU D 79 49.31 5.35 -11.22
C LEU D 79 48.52 4.51 -10.24
N LYS D 80 49.24 3.74 -9.44
CA LYS D 80 48.63 2.98 -8.35
C LYS D 80 48.54 3.82 -7.07
N MET D 81 47.42 3.68 -6.37
CA MET D 81 47.11 4.51 -5.24
C MET D 81 48.02 4.16 -4.05
N ASP D 82 48.27 2.88 -3.85
CA ASP D 82 48.99 2.36 -2.70
C ASP D 82 50.46 2.13 -3.01
N LYS D 83 50.95 2.81 -4.04
CA LYS D 83 52.33 2.64 -4.44
C LYS D 83 52.97 4.01 -4.66
N LYS D 84 54.21 4.17 -4.22
CA LYS D 84 54.93 5.42 -4.35
C LYS D 84 55.13 5.78 -5.80
N VAL D 85 54.89 7.03 -6.13
CA VAL D 85 54.93 7.47 -7.52
C VAL D 85 56.28 7.18 -8.17
N LEU D 86 57.38 7.28 -7.41
CA LEU D 86 58.71 7.09 -7.97
C LEU D 86 59.05 5.63 -8.13
N ASP D 87 58.27 4.77 -7.49
CA ASP D 87 58.44 3.33 -7.65
C ASP D 87 57.74 2.83 -8.91
N HIS D 88 57.03 3.72 -9.57
CA HIS D 88 56.44 3.37 -10.85
C HIS D 88 57.55 3.52 -11.87
N ASP D 89 57.59 2.65 -12.88
CA ASP D 89 58.65 2.72 -13.86
C ASP D 89 58.31 3.80 -14.90
N VAL D 90 57.82 4.93 -14.41
CA VAL D 90 57.52 6.06 -15.25
C VAL D 90 58.85 6.70 -15.63
N SER D 91 58.90 7.37 -16.79
CA SER D 91 60.07 8.16 -17.14
C SER D 91 60.41 9.11 -15.98
N LYS D 92 61.67 9.07 -15.52
CA LYS D 92 62.08 9.82 -14.34
C LYS D 92 62.60 11.24 -14.65
N GLU D 93 62.60 11.63 -15.92
CA GLU D 93 63.06 12.96 -16.30
C GLU D 93 62.18 14.07 -15.72
N GLU D 94 62.76 14.91 -14.86
CA GLU D 94 62.03 16.03 -14.29
C GLU D 94 61.62 17.00 -15.40
N PRO D 95 60.38 17.49 -15.38
CA PRO D 95 59.38 17.07 -14.39
C PRO D 95 58.69 15.78 -14.76
N VAL D 96 58.45 14.94 -13.76
CA VAL D 96 57.71 13.71 -13.93
C VAL D 96 56.31 14.10 -14.40
N THR D 97 55.90 13.66 -15.58
CA THR D 97 54.66 14.16 -16.19
C THR D 97 53.50 13.14 -16.18
N PHE D 98 52.30 13.57 -15.80
CA PHE D 98 51.12 12.69 -15.89
C PHE D 98 49.97 13.39 -16.57
N HIS D 99 49.14 12.60 -17.26
CA HIS D 99 47.94 13.12 -17.88
C HIS D 99 46.74 12.65 -17.06
N PHE D 100 45.98 13.61 -16.56
CA PHE D 100 44.77 13.30 -15.82
C PHE D 100 43.65 13.05 -16.84
N LEU D 101 43.09 11.85 -16.86
CA LEU D 101 42.11 11.51 -17.90
C LEU D 101 41.07 10.56 -17.30
N ALA D 102 39.90 10.43 -17.93
CA ALA D 102 38.95 9.42 -17.48
C ALA D 102 39.47 8.06 -17.89
N LYS D 103 39.41 7.10 -16.98
CA LYS D 103 39.87 5.75 -17.16
C LYS D 103 38.69 4.80 -17.32
N PHE D 104 37.60 5.18 -16.67
CA PHE D 104 36.35 4.45 -16.74
C PHE D 104 35.29 5.44 -17.16
N TYR D 105 34.22 4.89 -17.73
CA TYR D 105 33.11 5.66 -18.26
C TYR D 105 31.84 5.24 -17.55
N PRO D 106 30.94 6.20 -17.27
CA PRO D 106 29.66 5.85 -16.64
C PRO D 106 28.74 5.08 -17.55
N GLU D 107 27.80 4.34 -16.99
CA GLU D 107 26.80 3.70 -17.85
C GLU D 107 25.85 4.76 -18.39
N ASN D 108 25.68 5.85 -17.66
CA ASN D 108 24.79 6.94 -18.07
C ASN D 108 25.31 8.29 -17.61
N ALA D 109 25.81 9.07 -18.55
CA ALA D 109 26.54 10.27 -18.20
C ALA D 109 25.66 11.28 -17.48
N GLU D 110 24.40 11.36 -17.90
CA GLU D 110 23.50 12.37 -17.35
C GLU D 110 23.26 12.14 -15.86
N GLU D 111 23.29 10.88 -15.45
CA GLU D 111 22.96 10.56 -14.08
C GLU D 111 24.19 10.48 -13.14
N GLU D 112 25.34 10.05 -13.67
CA GLU D 112 26.52 9.78 -12.83
C GLU D 112 27.51 10.92 -12.77
N LEU D 113 27.52 11.78 -13.76
CA LEU D 113 28.41 12.94 -13.70
C LEU D 113 27.68 14.20 -13.19
N VAL D 114 27.85 14.52 -11.91
CA VAL D 114 27.15 15.64 -11.28
C VAL D 114 27.98 16.92 -11.27
N GLN D 115 29.22 16.87 -10.84
CA GLN D 115 30.04 18.09 -10.80
C GLN D 115 30.30 18.67 -12.17
N GLU D 116 30.32 19.99 -12.21
CA GLU D 116 30.52 20.71 -13.44
C GLU D 116 31.90 20.44 -14.05
N ILE D 117 32.93 20.36 -13.22
CA ILE D 117 34.26 20.14 -13.76
C ILE D 117 34.34 18.72 -14.36
N THR D 118 33.65 17.79 -13.72
CA THR D 118 33.63 16.38 -14.12
C THR D 118 33.05 16.20 -15.53
N GLN D 119 31.86 16.75 -15.73
CA GLN D 119 31.18 16.72 -17.01
C GLN D 119 32.04 17.38 -18.08
N HIS D 120 32.62 18.52 -17.71
CA HIS D 120 33.41 19.29 -18.64
C HIS D 120 34.64 18.51 -19.09
N LEU D 121 35.30 17.81 -18.16
CA LEU D 121 36.51 17.09 -18.56
C LEU D 121 36.16 15.85 -19.37
N PHE D 122 35.00 15.24 -19.10
CA PHE D 122 34.52 14.12 -19.92
C PHE D 122 34.14 14.64 -21.29
N PHE D 123 33.44 15.76 -21.31
CA PHE D 123 33.09 16.39 -22.58
C PHE D 123 34.31 16.58 -23.46
N LEU D 124 35.38 17.16 -22.91
CA LEU D 124 36.57 17.43 -23.71
C LEU D 124 37.30 16.18 -24.14
N GLN D 125 37.40 15.20 -23.26
CA GLN D 125 38.09 13.97 -23.60
C GLN D 125 37.33 13.22 -24.71
N VAL D 126 36.01 13.21 -24.60
CA VAL D 126 35.21 12.50 -25.56
C VAL D 126 35.19 13.22 -26.93
N LYS D 127 35.06 14.55 -26.93
CA LYS D 127 35.11 15.30 -28.17
C LYS D 127 36.44 15.05 -28.85
N LYS D 128 37.53 14.99 -28.08
CA LYS D 128 38.82 14.78 -28.74
C LYS D 128 38.87 13.38 -29.34
N GLN D 129 38.33 12.39 -28.64
CA GLN D 129 38.25 11.04 -29.21
C GLN D 129 37.49 11.00 -30.57
N ILE D 130 36.43 11.78 -30.69
CA ILE D 130 35.61 11.76 -31.91
C ILE D 130 36.35 12.48 -33.05
N LEU D 131 36.89 13.65 -32.76
CA LEU D 131 37.64 14.42 -33.75
C LEU D 131 38.95 13.73 -34.18
N ASP D 132 39.55 12.94 -33.29
CA ASP D 132 40.76 12.20 -33.67
C ASP D 132 40.38 10.87 -34.30
N GLU D 133 39.07 10.62 -34.40
CA GLU D 133 38.53 9.41 -35.03
C GLU D 133 38.98 8.16 -34.24
N LYS D 134 39.13 8.30 -32.93
CA LYS D 134 39.37 7.14 -32.09
C LYS D 134 38.05 6.41 -31.84
N VAL D 135 36.96 7.20 -31.80
CA VAL D 135 35.60 6.69 -31.66
C VAL D 135 34.80 7.00 -32.92
N TYR D 136 34.37 5.95 -33.63
CA TYR D 136 33.62 6.15 -34.88
C TYR D 136 32.40 6.99 -34.63
N CYS D 137 32.12 7.85 -35.60
CA CYS D 137 30.96 8.71 -35.55
C CYS D 137 30.38 8.83 -36.95
N PRO D 138 29.08 8.49 -37.11
CA PRO D 138 28.41 8.70 -38.39
C PRO D 138 28.32 10.20 -38.72
N PRO D 139 28.27 10.55 -40.02
CA PRO D 139 28.27 11.95 -40.44
C PRO D 139 27.21 12.82 -39.73
N GLU D 140 25.94 12.40 -39.73
CA GLU D 140 24.89 13.26 -39.15
C GLU D 140 25.11 13.46 -37.64
N ALA D 141 25.66 12.46 -36.95
CA ALA D 141 26.01 12.58 -35.53
C ALA D 141 27.12 13.60 -35.36
N SER D 142 28.09 13.60 -36.27
CA SER D 142 29.16 14.57 -36.20
C SER D 142 28.63 15.99 -36.40
N VAL D 143 27.58 16.15 -37.19
CA VAL D 143 27.02 17.50 -37.33
C VAL D 143 26.33 17.93 -36.03
N LEU D 144 25.53 17.05 -35.46
CA LEU D 144 24.76 17.41 -34.28
C LEU D 144 25.68 17.65 -33.07
N LEU D 145 26.72 16.81 -32.93
CA LEU D 145 27.72 16.94 -31.87
C LEU D 145 28.42 18.29 -31.99
N ALA D 146 28.90 18.61 -33.19
CA ALA D 146 29.55 19.89 -33.46
C ALA D 146 28.66 21.05 -33.05
N SER D 147 27.37 20.96 -33.37
CA SER D 147 26.50 22.09 -33.08
C SER D 147 26.42 22.32 -31.57
N TYR D 148 26.41 21.26 -30.78
CA TYR D 148 26.40 21.43 -29.33
C TYR D 148 27.76 21.92 -28.87
N ALA D 149 28.82 21.47 -29.51
CA ALA D 149 30.14 21.94 -29.11
C ALA D 149 30.24 23.45 -29.30
N VAL D 150 29.78 23.97 -30.43
CA VAL D 150 29.92 25.41 -30.62
C VAL D 150 28.98 26.15 -29.67
N GLN D 151 27.83 25.56 -29.34
CA GLN D 151 26.93 26.20 -28.36
C GLN D 151 27.58 26.33 -27.00
N ALA D 152 28.44 25.38 -26.66
CA ALA D 152 29.10 25.36 -25.36
C ALA D 152 30.20 26.42 -25.27
N LYS D 153 30.86 26.67 -26.38
CA LYS D 153 32.00 27.58 -26.43
C LYS D 153 31.62 29.04 -26.66
N TYR D 154 30.69 29.26 -27.59
CA TYR D 154 30.36 30.61 -28.02
C TYR D 154 29.11 31.17 -27.34
N GLY D 155 28.45 30.37 -26.51
CA GLY D 155 27.18 30.78 -25.95
C GLY D 155 26.12 30.84 -27.02
N ASP D 156 24.97 31.46 -26.72
CA ASP D 156 23.88 31.51 -27.68
C ASP D 156 24.29 32.11 -29.01
N TYR D 157 23.60 31.72 -30.07
CA TYR D 157 23.87 32.23 -31.41
C TYR D 157 23.36 33.66 -31.47
N ASP D 158 24.13 34.54 -32.10
CA ASP D 158 23.71 35.92 -32.29
C ASP D 158 24.19 36.44 -33.65
N PRO D 159 23.26 36.58 -34.61
CA PRO D 159 23.56 36.92 -36.01
C PRO D 159 24.36 38.22 -36.16
N SER D 160 24.27 39.09 -35.17
CA SER D 160 25.02 40.34 -35.17
C SER D 160 26.43 40.17 -34.63
N VAL D 161 26.64 39.13 -33.82
CA VAL D 161 27.97 38.89 -33.25
C VAL D 161 28.74 37.81 -34.00
N HIS D 162 28.07 36.66 -34.23
CA HIS D 162 28.70 35.55 -34.93
C HIS D 162 28.43 35.67 -36.43
N LYS D 163 29.18 36.55 -37.07
CA LYS D 163 28.98 36.82 -38.49
C LYS D 163 29.52 35.64 -39.30
N ARG D 164 29.07 35.58 -40.56
CA ARG D 164 29.44 34.53 -41.49
C ARG D 164 30.94 34.24 -41.48
N GLY D 165 31.30 32.96 -41.42
CA GLY D 165 32.70 32.60 -41.45
C GLY D 165 33.30 32.50 -40.06
N PHE D 166 32.47 32.61 -39.03
CA PHE D 166 33.03 32.63 -37.67
C PHE D 166 33.52 31.26 -37.19
N LEU D 167 33.26 30.20 -37.94
CA LEU D 167 33.76 28.88 -37.58
C LEU D 167 34.90 28.42 -38.50
N ALA D 168 35.49 29.37 -39.21
CA ALA D 168 36.47 29.09 -40.25
C ALA D 168 37.74 28.40 -39.76
N GLN D 169 38.27 28.81 -38.61
CA GLN D 169 39.51 28.20 -38.13
C GLN D 169 39.26 27.34 -36.90
N GLU D 170 38.09 26.72 -36.87
CA GLU D 170 37.73 25.75 -35.84
C GLU D 170 37.79 24.35 -36.44
N GLU D 171 37.99 23.35 -35.58
CA GLU D 171 37.95 21.96 -36.02
C GLU D 171 36.67 21.37 -35.47
N LEU D 172 35.66 21.25 -36.32
CA LEU D 172 34.35 20.84 -35.86
C LEU D 172 33.95 19.44 -36.27
N LEU D 173 34.57 18.90 -37.32
CA LEU D 173 34.19 17.59 -37.84
C LEU D 173 35.40 16.69 -38.04
N PRO D 174 35.19 15.36 -37.90
CA PRO D 174 36.29 14.46 -38.28
C PRO D 174 36.63 14.65 -39.77
N LYS D 175 37.91 14.59 -40.12
CA LYS D 175 38.32 14.76 -41.50
C LYS D 175 37.63 13.71 -42.33
N ARG D 176 37.37 12.59 -41.69
CA ARG D 176 36.71 11.48 -42.33
C ARG D 176 35.31 11.86 -42.81
N VAL D 177 34.56 12.65 -42.04
CA VAL D 177 33.23 13.00 -42.51
C VAL D 177 33.28 14.17 -43.51
N ILE D 178 34.30 15.03 -43.47
CA ILE D 178 34.33 16.12 -44.46
C ILE D 178 34.66 15.52 -45.82
N ASN D 179 35.26 14.35 -45.81
CA ASN D 179 35.36 13.57 -47.02
C ASN D 179 33.99 12.91 -47.11
N LEU D 180 33.79 11.90 -47.94
CA LEU D 180 32.47 11.26 -48.05
C LEU D 180 31.36 12.17 -48.66
N TYR D 181 31.58 13.48 -48.72
CA TYR D 181 30.57 14.41 -49.24
C TYR D 181 31.20 15.41 -50.19
N GLN D 182 30.45 15.83 -51.19
CA GLN D 182 30.88 16.96 -52.02
C GLN D 182 30.39 18.24 -51.36
N MET D 183 31.18 18.76 -50.44
CA MET D 183 30.81 19.97 -49.69
C MET D 183 32.00 20.87 -49.43
N THR D 184 31.79 22.18 -49.56
CA THR D 184 32.83 23.15 -49.24
C THR D 184 32.80 23.43 -47.74
N PRO D 185 33.92 23.94 -47.20
CA PRO D 185 33.98 24.37 -45.80
C PRO D 185 32.87 25.37 -45.40
N GLU D 186 32.53 26.31 -46.28
CA GLU D 186 31.46 27.28 -45.96
C GLU D 186 30.12 26.59 -45.82
N MET D 187 29.92 25.51 -46.57
CA MET D 187 28.69 24.74 -46.49
C MET D 187 28.53 24.01 -45.14
N TRP D 188 29.56 23.28 -44.71
CA TRP D 188 29.49 22.60 -43.41
C TRP D 188 29.18 23.62 -42.32
N GLU D 189 29.89 24.74 -42.37
CA GLU D 189 29.77 25.79 -41.37
C GLU D 189 28.39 26.42 -41.45
N GLU D 190 27.78 26.36 -42.63
CA GLU D 190 26.39 26.78 -42.84
C GLU D 190 25.43 25.84 -42.12
N ARG D 191 25.66 24.54 -42.29
CA ARG D 191 24.87 23.51 -41.67
C ARG D 191 25.04 23.46 -40.15
N ILE D 192 26.29 23.60 -39.69
CA ILE D 192 26.58 23.61 -38.26
C ILE D 192 25.97 24.81 -37.57
N THR D 193 26.03 25.96 -38.25
CA THR D 193 25.44 27.18 -37.71
C THR D 193 23.93 27.06 -37.54
N ALA D 194 23.28 26.45 -38.52
CA ALA D 194 21.82 26.31 -38.46
C ALA D 194 21.36 25.52 -37.22
N TRP D 195 21.99 24.39 -36.95
CA TRP D 195 21.67 23.59 -35.77
C TRP D 195 22.13 24.27 -34.49
N TYR D 196 23.24 24.99 -34.59
CA TYR D 196 23.73 25.84 -33.50
C TYR D 196 22.61 26.78 -33.04
N ALA D 197 21.94 27.42 -33.99
CA ALA D 197 20.88 28.36 -33.68
C ALA D 197 19.71 27.68 -32.97
N GLU D 198 19.62 26.37 -33.11
CA GLU D 198 18.53 25.61 -32.51
C GLU D 198 18.73 25.41 -31.03
N HIS D 199 19.90 25.79 -30.52
CA HIS D 199 20.27 25.55 -29.14
C HIS D 199 20.26 26.79 -28.25
N ARG D 200 19.46 27.81 -28.58
CA ARG D 200 19.47 29.03 -27.76
C ARG D 200 18.93 28.77 -26.35
N GLY D 201 19.65 29.27 -25.35
CA GLY D 201 19.19 29.12 -23.97
C GLY D 201 19.91 28.06 -23.17
N ARG D 202 20.59 27.15 -23.86
CA ARG D 202 21.31 26.07 -23.20
C ARG D 202 22.66 26.59 -22.70
N ALA D 203 22.89 26.48 -21.39
CA ALA D 203 24.18 26.87 -20.82
C ALA D 203 25.29 25.93 -21.30
N ARG D 204 26.54 26.31 -21.06
CA ARG D 204 27.67 25.49 -21.49
C ARG D 204 27.48 24.05 -21.01
N ASP D 205 27.33 23.90 -19.70
CA ASP D 205 27.22 22.59 -19.07
C ASP D 205 26.04 21.84 -19.64
N GLU D 206 24.97 22.58 -19.95
CA GLU D 206 23.77 22.00 -20.55
C GLU D 206 24.04 21.44 -21.95
N ALA D 207 24.83 22.18 -22.72
CA ALA D 207 25.16 21.81 -24.09
C ALA D 207 26.11 20.64 -24.12
N GLU D 208 27.11 20.70 -23.24
CA GLU D 208 28.11 19.67 -23.11
C GLU D 208 27.46 18.35 -22.69
N MET D 209 26.48 18.43 -21.79
CA MET D 209 25.81 17.22 -21.33
C MET D 209 25.02 16.61 -22.48
N GLU D 210 24.42 17.45 -23.30
CA GLU D 210 23.73 17.00 -24.49
C GLU D 210 24.71 16.35 -25.48
N TYR D 211 25.90 16.92 -25.61
CA TYR D 211 26.95 16.29 -26.40
C TYR D 211 27.24 14.87 -25.86
N LEU D 212 27.44 14.72 -24.56
CA LEU D 212 27.79 13.42 -24.01
C LEU D 212 26.71 12.35 -24.16
N LYS D 213 25.43 12.75 -24.01
CA LYS D 213 24.28 11.84 -24.11
C LYS D 213 24.16 11.27 -25.53
N ILE D 214 24.58 12.05 -26.51
CA ILE D 214 24.62 11.56 -27.87
C ILE D 214 25.90 10.71 -28.07
N ALA D 215 27.04 11.16 -27.58
CA ALA D 215 28.26 10.40 -27.81
C ALA D 215 28.23 9.04 -27.11
N GLN D 216 27.56 8.94 -25.96
CA GLN D 216 27.57 7.69 -25.18
C GLN D 216 26.83 6.54 -25.89
N ASP D 217 25.99 6.86 -26.85
CA ASP D 217 25.30 5.82 -27.59
C ASP D 217 26.15 5.36 -28.77
N LEU D 218 27.25 6.04 -29.05
CA LEU D 218 28.13 5.56 -30.12
C LEU D 218 28.68 4.19 -29.78
N GLU D 219 28.82 3.34 -30.79
CA GLU D 219 29.17 1.94 -30.57
C GLU D 219 30.57 1.74 -30.01
N MET D 220 31.47 2.67 -30.25
CA MET D 220 32.85 2.56 -29.81
C MET D 220 33.12 3.38 -28.55
N TYR D 221 32.09 4.08 -28.10
CA TYR D 221 32.19 4.91 -26.91
C TYR D 221 32.56 4.08 -25.70
N GLY D 222 33.62 4.48 -25.02
CA GLY D 222 33.94 3.91 -23.74
C GLY D 222 34.57 2.54 -23.82
N VAL D 223 35.02 2.14 -24.99
CA VAL D 223 35.61 0.80 -25.12
C VAL D 223 37.12 0.85 -25.24
N ASN D 224 37.80 0.03 -24.45
CA ASN D 224 39.24 -0.11 -24.51
C ASN D 224 39.57 -1.32 -25.42
N TYR D 225 40.29 -1.09 -26.51
CA TYR D 225 40.60 -2.16 -27.45
C TYR D 225 42.02 -2.70 -27.32
N PHE D 226 42.16 -4.02 -27.41
CA PHE D 226 43.46 -4.67 -27.38
C PHE D 226 43.53 -5.77 -28.45
N THR D 227 44.61 -5.80 -29.22
CA THR D 227 44.74 -6.85 -30.22
C THR D 227 45.14 -8.12 -29.49
N ILE D 228 44.49 -9.22 -29.85
CA ILE D 228 44.68 -10.51 -29.20
C ILE D 228 44.70 -11.62 -30.24
N ARG D 229 44.98 -12.84 -29.81
CA ARG D 229 44.86 -14.00 -30.69
C ARG D 229 44.15 -15.13 -29.97
N ASN D 230 43.20 -15.77 -30.64
CA ASN D 230 42.55 -16.96 -30.07
C ASN D 230 43.49 -18.15 -30.21
N LYS D 231 43.06 -19.31 -29.71
CA LYS D 231 43.95 -20.46 -29.65
C LYS D 231 44.44 -20.93 -31.03
N LYS D 232 43.62 -20.72 -32.05
CA LYS D 232 43.96 -21.10 -33.42
C LYS D 232 44.91 -20.12 -34.11
N GLY D 233 45.29 -19.07 -33.40
CA GLY D 233 46.19 -18.06 -33.95
C GLY D 233 45.49 -16.89 -34.60
N THR D 234 44.16 -16.89 -34.59
CA THR D 234 43.40 -15.82 -35.25
C THR D 234 43.43 -14.48 -34.51
N GLU D 235 43.84 -13.43 -35.23
CA GLU D 235 43.89 -12.09 -34.66
C GLU D 235 42.47 -11.60 -34.38
N LEU D 236 42.23 -11.14 -33.15
CA LEU D 236 40.92 -10.61 -32.76
C LEU D 236 41.16 -9.33 -31.99
N LEU D 237 40.08 -8.62 -31.68
CA LEU D 237 40.18 -7.45 -30.81
C LEU D 237 39.39 -7.76 -29.54
N LEU D 238 40.00 -7.50 -28.39
CA LEU D 238 39.28 -7.61 -27.15
C LEU D 238 38.82 -6.20 -26.75
N GLY D 239 37.53 -6.08 -26.43
CA GLY D 239 37.01 -4.83 -25.90
C GLY D 239 36.63 -4.97 -24.43
N VAL D 240 37.13 -4.04 -23.61
CA VAL D 240 36.81 -3.98 -22.19
C VAL D 240 36.05 -2.70 -21.90
N ASP D 241 34.81 -2.81 -21.45
CA ASP D 241 34.10 -1.59 -21.12
C ASP D 241 33.26 -1.73 -19.86
N ALA D 242 32.40 -0.75 -19.63
CA ALA D 242 31.61 -0.68 -18.41
C ALA D 242 30.67 -1.86 -18.28
N LEU D 243 30.37 -2.50 -19.39
CA LEU D 243 29.32 -3.52 -19.44
C LEU D 243 29.84 -4.96 -19.45
N GLY D 244 31.06 -5.18 -19.91
CA GLY D 244 31.58 -6.52 -19.93
C GLY D 244 32.82 -6.67 -20.77
N LEU D 245 33.14 -7.90 -21.15
CA LEU D 245 34.22 -8.20 -22.08
C LEU D 245 33.68 -8.47 -23.46
N HIS D 246 34.41 -8.05 -24.50
CA HIS D 246 33.90 -8.22 -25.86
C HIS D 246 34.98 -8.69 -26.84
N ILE D 247 34.54 -9.52 -27.79
CA ILE D 247 35.41 -10.04 -28.83
C ILE D 247 34.94 -9.55 -30.21
N TYR D 248 35.85 -8.91 -30.95
CA TYR D 248 35.53 -8.32 -32.25
C TYR D 248 36.34 -8.93 -33.39
N ASP D 249 35.80 -8.88 -34.60
CA ASP D 249 36.64 -9.01 -35.77
C ASP D 249 37.36 -7.69 -35.97
N PRO D 250 38.68 -7.73 -36.19
CA PRO D 250 39.52 -6.53 -36.28
C PRO D 250 39.04 -5.51 -37.30
N GLU D 251 38.28 -5.96 -38.30
CA GLU D 251 37.77 -5.05 -39.32
C GLU D 251 36.43 -4.46 -38.92
N ASN D 252 35.93 -4.83 -37.76
CA ASN D 252 34.64 -4.32 -37.32
C ASN D 252 34.63 -4.04 -35.83
N ARG D 253 35.00 -2.81 -35.46
CA ARG D 253 35.04 -2.40 -34.06
C ARG D 253 33.68 -1.95 -33.55
N LEU D 254 32.68 -2.02 -34.42
CA LEU D 254 31.36 -1.49 -34.06
C LEU D 254 30.53 -2.55 -33.37
N THR D 255 30.62 -3.78 -33.87
CA THR D 255 29.77 -4.86 -33.39
C THR D 255 30.59 -6.09 -33.05
N PRO D 256 30.60 -6.46 -31.77
CA PRO D 256 31.40 -7.60 -31.32
C PRO D 256 30.78 -8.90 -31.81
N LYS D 257 31.60 -9.92 -32.00
CA LYS D 257 31.08 -11.25 -32.34
C LYS D 257 30.54 -11.95 -31.11
N ILE D 258 31.23 -11.75 -29.98
CA ILE D 258 30.86 -12.36 -28.72
C ILE D 258 30.94 -11.32 -27.57
N SER D 259 29.94 -11.32 -26.69
CA SER D 259 29.95 -10.47 -25.50
C SER D 259 29.80 -11.29 -24.21
N PHE D 260 30.57 -10.89 -23.21
CA PHE D 260 30.55 -11.47 -21.88
C PHE D 260 30.26 -10.33 -20.90
N PRO D 261 28.97 -10.08 -20.58
CA PRO D 261 28.53 -9.07 -19.59
C PRO D 261 29.11 -9.38 -18.21
N TRP D 262 29.37 -8.36 -17.39
CA TRP D 262 30.11 -8.54 -16.13
C TRP D 262 29.49 -9.48 -15.10
N ASN D 263 28.17 -9.59 -15.08
CA ASN D 263 27.53 -10.44 -14.09
C ASN D 263 27.51 -11.92 -14.48
N GLU D 264 27.83 -12.20 -15.74
CA GLU D 264 27.85 -13.59 -16.22
C GLU D 264 29.26 -14.16 -16.26
N ILE D 265 30.18 -13.47 -15.58
CA ILE D 265 31.57 -13.89 -15.53
C ILE D 265 31.96 -14.28 -14.12
N ARG D 266 32.53 -15.47 -13.96
CA ARG D 266 32.99 -15.94 -12.66
C ARG D 266 34.39 -15.43 -12.41
N ASN D 267 35.23 -15.53 -13.45
CA ASN D 267 36.60 -15.09 -13.30
C ASN D 267 37.36 -14.81 -14.59
N ILE D 268 38.30 -13.87 -14.48
CA ILE D 268 39.24 -13.57 -15.54
C ILE D 268 40.62 -13.80 -14.97
N SER D 269 41.26 -14.85 -15.47
CA SER D 269 42.56 -15.25 -14.98
C SER D 269 43.62 -14.94 -16.02
N TYR D 270 44.82 -14.63 -15.54
CA TYR D 270 45.93 -14.41 -16.44
C TYR D 270 47.13 -15.27 -16.05
N SER D 271 47.72 -15.95 -17.03
CA SER D 271 48.93 -16.71 -16.79
C SER D 271 49.87 -16.68 -17.99
N ASP D 272 51.13 -16.32 -17.76
CA ASP D 272 52.14 -16.24 -18.81
C ASP D 272 51.67 -15.24 -19.85
N LYS D 273 51.37 -15.69 -21.06
CA LYS D 273 50.77 -14.79 -22.05
C LYS D 273 49.33 -15.20 -22.40
N GLU D 274 48.66 -15.93 -21.51
CA GLU D 274 47.35 -16.49 -21.83
C GLU D 274 46.25 -16.10 -20.82
N PHE D 275 45.14 -15.59 -21.35
CA PHE D 275 43.95 -15.28 -20.54
C PHE D 275 42.89 -16.38 -20.58
N THR D 276 42.13 -16.49 -19.49
CA THR D 276 40.98 -17.38 -19.47
C THR D 276 39.75 -16.65 -18.94
N ILE D 277 38.67 -16.64 -19.71
CA ILE D 277 37.43 -16.10 -19.21
C ILE D 277 36.56 -17.26 -18.73
N LYS D 278 36.28 -17.30 -17.44
CA LYS D 278 35.46 -18.36 -16.88
C LYS D 278 34.07 -17.84 -16.61
N PRO D 279 33.06 -18.37 -17.33
CA PRO D 279 31.67 -17.91 -17.18
C PRO D 279 31.02 -18.41 -15.90
N LEU D 280 30.12 -17.60 -15.35
CA LEU D 280 29.27 -17.98 -14.22
C LEU D 280 28.22 -19.02 -14.60
N ASP D 281 28.66 -20.09 -15.24
CA ASP D 281 27.82 -21.16 -15.77
C ASP D 281 28.75 -22.29 -16.16
N LYS D 282 28.88 -23.25 -15.25
CA LYS D 282 29.90 -24.29 -15.32
C LYS D 282 29.77 -25.14 -16.57
N LYS D 283 28.58 -25.17 -17.16
CA LYS D 283 28.35 -25.98 -18.35
C LYS D 283 28.95 -25.32 -19.59
N ILE D 284 29.12 -23.99 -19.53
CA ILE D 284 29.65 -23.22 -20.65
C ILE D 284 31.17 -23.29 -20.70
N ASP D 285 31.71 -23.64 -21.86
CA ASP D 285 33.15 -23.69 -22.05
C ASP D 285 33.77 -22.32 -21.76
N VAL D 286 35.06 -22.32 -21.44
CA VAL D 286 35.79 -21.09 -21.14
C VAL D 286 36.40 -20.56 -22.45
N PHE D 287 36.72 -19.28 -22.47
CA PHE D 287 37.28 -18.62 -23.65
C PHE D 287 38.72 -18.17 -23.42
N LYS D 288 39.62 -18.69 -24.24
CA LYS D 288 41.04 -18.41 -24.11
C LYS D 288 41.57 -17.54 -25.24
N PHE D 289 42.53 -16.69 -24.91
CA PHE D 289 43.21 -15.90 -25.92
C PHE D 289 44.56 -15.52 -25.39
N ASN D 290 45.44 -15.17 -26.33
CA ASN D 290 46.80 -14.82 -26.01
C ASN D 290 47.11 -13.36 -26.26
N SER D 291 47.97 -12.80 -25.42
CA SER D 291 48.41 -11.43 -25.64
C SER D 291 49.89 -11.36 -25.32
N SER D 292 50.66 -10.71 -26.19
CA SER D 292 52.11 -10.85 -26.09
C SER D 292 52.73 -9.97 -25.02
N LYS D 293 52.43 -8.68 -25.08
CA LYS D 293 53.04 -7.72 -24.16
C LYS D 293 52.42 -7.75 -22.77
N LEU D 294 53.26 -8.04 -21.79
CA LEU D 294 52.83 -8.16 -20.39
C LEU D 294 52.42 -6.81 -19.80
N ARG D 295 52.96 -5.72 -20.31
CA ARG D 295 52.51 -4.40 -19.90
C ARG D 295 51.01 -4.23 -20.22
N VAL D 296 50.62 -4.72 -21.39
CA VAL D 296 49.23 -4.66 -21.85
C VAL D 296 48.31 -5.57 -21.05
N ASN D 297 48.80 -6.74 -20.69
CA ASN D 297 48.00 -7.67 -19.94
C ASN D 297 47.66 -7.18 -18.52
N LYS D 298 48.58 -6.41 -17.93
CA LYS D 298 48.31 -5.83 -16.61
C LYS D 298 47.22 -4.79 -16.74
N LEU D 299 47.33 -4.00 -17.79
CA LEU D 299 46.35 -2.96 -18.07
C LEU D 299 44.97 -3.59 -18.30
N ILE D 300 44.92 -4.67 -19.09
CA ILE D 300 43.67 -5.34 -19.33
C ILE D 300 43.03 -5.77 -18.02
N LEU D 301 43.84 -6.33 -17.12
CA LEU D 301 43.35 -6.78 -15.83
C LEU D 301 42.89 -5.63 -14.93
N GLN D 302 43.69 -4.57 -14.86
CA GLN D 302 43.27 -3.35 -14.14
C GLN D 302 41.91 -2.85 -14.66
N LEU D 303 41.75 -2.81 -15.97
CA LEU D 303 40.50 -2.30 -16.56
C LEU D 303 39.34 -3.25 -16.28
N CYS D 304 39.62 -4.54 -16.25
CA CYS D 304 38.56 -5.53 -15.98
C CYS D 304 38.11 -5.39 -14.55
N ILE D 305 39.07 -5.34 -13.62
CA ILE D 305 38.74 -5.22 -12.21
C ILE D 305 37.99 -3.92 -11.90
N GLY D 306 38.50 -2.78 -12.38
CA GLY D 306 37.84 -1.51 -12.12
C GLY D 306 36.43 -1.46 -12.70
N ASN D 307 36.27 -1.89 -13.95
CA ASN D 307 34.96 -1.88 -14.61
C ASN D 307 33.98 -2.83 -13.93
N HIS D 308 34.49 -4.00 -13.54
CA HIS D 308 33.66 -4.98 -12.86
C HIS D 308 33.16 -4.36 -11.53
N ASP D 309 34.06 -3.71 -10.80
CA ASP D 309 33.74 -3.09 -9.52
C ASP D 309 32.67 -1.99 -9.62
N LEU D 310 32.84 -1.07 -10.57
CA LEU D 310 31.86 0.01 -10.75
C LEU D 310 30.50 -0.47 -11.20
N PHE D 311 30.51 -1.52 -12.02
CA PHE D 311 29.32 -2.17 -12.54
C PHE D 311 28.51 -2.67 -11.33
N MET D 312 29.21 -3.29 -10.38
CA MET D 312 28.61 -3.83 -9.16
C MET D 312 28.17 -2.71 -8.21
N ARG D 313 28.98 -1.67 -8.08
CA ARG D 313 28.58 -0.58 -7.22
C ARG D 313 27.40 0.23 -7.79
N ARG D 314 27.16 0.20 -9.10
CA ARG D 314 25.97 0.89 -9.58
C ARG D 314 24.72 0.02 -9.35
N ARG D 315 24.95 -1.26 -9.07
CA ARG D 315 23.86 -2.21 -8.84
C ARG D 315 23.89 -2.70 -7.38
N PRO E 1 -20.91 -24.10 24.42
CA PRO E 1 -20.69 -22.97 23.50
C PRO E 1 -20.75 -23.48 22.07
N LYS E 2 -21.77 -23.09 21.30
CA LYS E 2 -22.02 -23.74 20.01
C LYS E 2 -20.96 -23.45 18.97
N PHE E 3 -20.20 -22.37 19.15
CA PHE E 3 -19.12 -22.09 18.21
C PHE E 3 -17.88 -22.88 18.56
N GLY E 4 -17.97 -23.69 19.61
CA GLY E 4 -16.84 -24.53 20.00
C GLY E 4 -15.79 -23.78 20.78
N THR E 5 -14.81 -23.22 20.07
CA THR E 5 -13.71 -22.48 20.70
C THR E 5 -13.56 -21.09 20.10
N HIS E 6 -12.80 -20.23 20.78
CA HIS E 6 -12.47 -18.93 20.20
C HIS E 6 -11.64 -19.07 18.93
N HIS E 7 -10.79 -20.09 18.90
CA HIS E 7 -9.90 -20.36 17.77
C HIS E 7 -10.76 -20.65 16.53
N LYS E 8 -11.84 -21.39 16.73
CA LYS E 8 -12.80 -21.69 15.66
C LYS E 8 -13.63 -20.46 15.32
N ALA E 9 -14.14 -19.79 16.34
CA ALA E 9 -15.01 -18.65 16.12
C ALA E 9 -14.35 -17.53 15.31
N LEU E 10 -13.08 -17.27 15.58
CA LEU E 10 -12.40 -16.20 14.88
C LEU E 10 -12.31 -16.50 13.40
N GLN E 11 -12.12 -17.78 13.06
CA GLN E 11 -12.05 -18.17 11.67
C GLN E 11 -13.41 -18.13 10.97
N GLU E 12 -14.44 -18.56 11.70
CA GLU E 12 -15.82 -18.47 11.20
C GLU E 12 -16.15 -17.01 10.93
N ILE E 13 -15.76 -16.13 11.84
CA ILE E 13 -16.06 -14.72 11.67
C ILE E 13 -15.30 -14.13 10.51
N ARG E 14 -14.02 -14.46 10.40
CA ARG E 14 -13.21 -13.95 9.29
C ARG E 14 -13.71 -14.40 7.92
N ASN E 15 -14.06 -15.67 7.80
CA ASN E 15 -14.49 -16.17 6.48
C ASN E 15 -15.90 -15.69 6.08
N SER E 16 -16.79 -15.48 7.06
CA SER E 16 -18.11 -14.98 6.73
C SER E 16 -18.05 -13.51 6.35
N LEU E 17 -16.99 -12.82 6.75
CA LEU E 17 -16.84 -11.39 6.42
C LEU E 17 -16.04 -11.21 5.15
N LEU E 18 -15.26 -12.23 4.81
CA LEU E 18 -14.30 -12.16 3.69
C LEU E 18 -14.96 -11.67 2.35
N PRO E 19 -16.20 -12.10 2.06
CA PRO E 19 -16.79 -11.57 0.81
C PRO E 19 -16.93 -10.05 0.69
N PHE E 20 -16.67 -9.28 1.75
CA PHE E 20 -16.72 -7.81 1.65
C PHE E 20 -15.29 -7.24 1.72
N ALA E 21 -15.05 -6.12 1.05
CA ALA E 21 -13.69 -5.59 0.92
C ALA E 21 -13.66 -4.09 0.64
N PRO F 1 -4.47 53.37 10.79
CA PRO F 1 -4.90 53.96 12.06
C PRO F 1 -6.04 53.18 12.73
N LYS F 2 -6.49 53.52 13.94
CA LYS F 2 -5.79 54.30 14.98
C LYS F 2 -4.74 53.49 15.75
N PHE F 3 -4.77 52.17 15.58
CA PHE F 3 -3.80 51.28 16.22
C PHE F 3 -2.46 51.19 15.49
N GLY F 4 -2.29 52.02 14.46
CA GLY F 4 -1.04 52.05 13.72
C GLY F 4 -0.96 50.94 12.68
N THR F 5 -0.39 49.81 13.07
CA THR F 5 -0.21 48.67 12.18
C THR F 5 -0.68 47.39 12.84
N HIS F 6 -0.87 46.33 12.06
CA HIS F 6 -1.23 45.04 12.62
C HIS F 6 -0.17 44.60 13.60
N HIS F 7 1.08 44.93 13.28
CA HIS F 7 2.19 44.49 14.09
C HIS F 7 2.06 45.11 15.48
N LYS F 8 1.60 46.36 15.54
CA LYS F 8 1.35 47.04 16.81
C LYS F 8 0.10 46.51 17.51
N ALA F 9 -0.99 46.40 16.77
CA ALA F 9 -2.24 45.95 17.37
C ALA F 9 -2.08 44.59 18.01
N LEU F 10 -1.27 43.72 17.40
CA LEU F 10 -1.04 42.38 17.93
C LEU F 10 -0.28 42.46 19.25
N GLN F 11 0.62 43.42 19.35
CA GLN F 11 1.36 43.59 20.58
C GLN F 11 0.45 44.18 21.66
N GLU F 12 -0.37 45.15 21.28
CA GLU F 12 -1.35 45.76 22.16
C GLU F 12 -2.31 44.73 22.73
N ILE F 13 -2.80 43.82 21.88
CA ILE F 13 -3.71 42.73 22.26
C ILE F 13 -3.02 41.65 23.11
N ARG F 14 -1.78 41.27 22.76
CA ARG F 14 -1.07 40.24 23.53
C ARG F 14 -0.81 40.68 24.98
N ASN F 15 -0.35 41.91 25.15
CA ASN F 15 -0.04 42.43 26.47
C ASN F 15 -1.29 42.76 27.29
N SER F 16 -2.39 43.11 26.61
CA SER F 16 -3.63 43.42 27.30
C SER F 16 -4.29 42.14 27.81
N LEU F 17 -3.92 41.02 27.20
CA LEU F 17 -4.47 39.72 27.58
C LEU F 17 -3.55 39.03 28.57
N LEU F 18 -2.29 39.45 28.59
CA LEU F 18 -1.25 38.81 29.40
C LEU F 18 -1.59 38.66 30.89
N PRO F 19 -2.20 39.67 31.51
CA PRO F 19 -2.57 39.42 32.91
C PRO F 19 -3.60 38.33 33.14
N PHE F 20 -4.31 37.86 32.11
CA PHE F 20 -5.34 36.86 32.38
C PHE F 20 -5.00 35.45 31.92
N ALA F 21 -3.77 34.99 32.18
CA ALA F 21 -3.29 33.73 31.61
C ALA F 21 -3.26 32.58 32.61
N PRO G 1 -48.98 -17.40 -13.71
CA PRO G 1 -48.99 -18.66 -14.45
C PRO G 1 -49.70 -18.46 -15.78
N LYS G 2 -49.15 -17.62 -16.63
CA LYS G 2 -49.82 -17.34 -17.89
C LYS G 2 -49.68 -18.57 -18.78
N PHE G 3 -48.63 -19.34 -18.54
CA PHE G 3 -48.39 -20.60 -19.23
C PHE G 3 -49.03 -21.79 -18.50
N GLY G 4 -49.74 -21.50 -17.43
CA GLY G 4 -50.41 -22.53 -16.65
C GLY G 4 -49.50 -23.24 -15.67
N THR G 5 -48.90 -24.34 -16.13
CA THR G 5 -48.01 -25.14 -15.30
C THR G 5 -46.73 -25.40 -16.06
N HIS G 6 -45.73 -25.90 -15.35
CA HIS G 6 -44.50 -26.28 -16.01
C HIS G 6 -44.76 -27.40 -17.00
N HIS G 7 -45.71 -28.28 -16.68
CA HIS G 7 -45.97 -29.41 -17.54
C HIS G 7 -46.48 -28.96 -18.92
N LYS G 8 -47.32 -27.93 -18.92
CA LYS G 8 -47.83 -27.36 -20.18
C LYS G 8 -46.74 -26.59 -20.88
N ALA G 9 -46.02 -25.78 -20.12
CA ALA G 9 -44.96 -24.94 -20.64
C ALA G 9 -43.85 -25.72 -21.34
N LEU G 10 -43.54 -26.91 -20.84
CA LEU G 10 -42.53 -27.75 -21.46
C LEU G 10 -42.95 -28.28 -22.83
N GLN G 11 -44.22 -28.66 -22.95
CA GLN G 11 -44.75 -29.20 -24.20
C GLN G 11 -44.89 -28.09 -25.24
N GLU G 12 -45.27 -26.90 -24.79
CA GLU G 12 -45.31 -25.70 -25.63
C GLU G 12 -43.94 -25.39 -26.23
N ILE G 13 -42.92 -25.44 -25.39
CA ILE G 13 -41.57 -25.16 -25.84
C ILE G 13 -41.15 -26.27 -26.76
N ARG G 14 -41.50 -27.50 -26.39
CA ARG G 14 -41.07 -28.63 -27.17
C ARG G 14 -41.64 -28.50 -28.58
N ASN G 15 -42.93 -28.20 -28.68
CA ASN G 15 -43.61 -28.18 -29.97
C ASN G 15 -43.20 -26.99 -30.84
N SER G 16 -42.83 -25.88 -30.23
CA SER G 16 -42.34 -24.70 -30.96
C SER G 16 -40.90 -24.88 -31.46
N LEU G 17 -40.20 -25.86 -30.91
CA LEU G 17 -38.83 -26.16 -31.35
C LEU G 17 -38.78 -27.26 -32.41
N LEU G 18 -39.81 -28.09 -32.50
CA LEU G 18 -39.79 -29.22 -33.43
C LEU G 18 -39.51 -28.79 -34.89
N PRO G 19 -40.09 -27.67 -35.34
CA PRO G 19 -39.78 -27.32 -36.74
C PRO G 19 -38.32 -27.00 -37.01
N PHE G 20 -37.47 -26.88 -35.98
CA PHE G 20 -36.06 -26.59 -36.24
C PHE G 20 -35.13 -27.79 -35.99
N ALA G 21 -35.74 -28.97 -35.91
CA ALA G 21 -35.04 -30.20 -35.54
C ALA G 21 -34.04 -30.71 -36.57
N ASN G 22 -32.76 -30.65 -36.23
CA ASN G 22 -31.68 -31.31 -36.99
C ASN G 22 -30.37 -31.22 -36.21
N PRO H 1 11.83 22.74 -28.20
CA PRO H 1 12.93 22.22 -29.00
C PRO H 1 12.45 21.86 -30.41
N LYS H 2 12.78 22.66 -31.42
CA LYS H 2 11.96 22.65 -32.62
C LYS H 2 12.15 21.39 -33.44
N PHE H 3 13.30 20.74 -33.31
CA PHE H 3 13.58 19.51 -34.06
C PHE H 3 13.02 18.25 -33.39
N GLY H 4 12.27 18.45 -32.33
CA GLY H 4 11.65 17.34 -31.63
C GLY H 4 12.59 16.61 -30.71
N THR H 5 13.24 15.58 -31.25
CA THR H 5 14.19 14.73 -30.51
C THR H 5 15.49 14.57 -31.29
N HIS H 6 16.54 14.07 -30.63
CA HIS H 6 17.80 13.74 -31.31
C HIS H 6 17.63 12.63 -32.33
N HIS H 7 16.71 11.73 -32.02
CA HIS H 7 16.42 10.61 -32.87
C HIS H 7 15.88 11.16 -34.19
N LYS H 8 15.06 12.21 -34.09
CA LYS H 8 14.56 12.93 -35.27
C LYS H 8 15.63 13.79 -35.94
N ALA H 9 16.37 14.58 -35.16
CA ALA H 9 17.35 15.49 -35.73
C ALA H 9 18.43 14.78 -36.53
N LEU H 10 18.83 13.58 -36.10
CA LEU H 10 19.87 12.80 -36.78
C LEU H 10 19.42 12.38 -38.18
N GLN H 11 18.14 12.04 -38.32
CA GLN H 11 17.61 11.61 -39.61
C GLN H 11 17.42 12.79 -40.56
N GLU H 12 16.96 13.92 -40.02
CA GLU H 12 16.85 15.16 -40.75
C GLU H 12 18.19 15.54 -41.34
N ILE H 13 19.23 15.45 -40.52
CA ILE H 13 20.55 15.81 -40.97
C ILE H 13 21.04 14.81 -41.99
N ARG H 14 20.85 13.52 -41.70
CA ARG H 14 21.39 12.50 -42.61
C ARG H 14 20.79 12.60 -44.00
N ASN H 15 19.48 12.74 -44.08
CA ASN H 15 18.79 12.79 -45.37
C ASN H 15 19.06 14.11 -46.10
N SER H 16 19.30 15.17 -45.33
CA SER H 16 19.62 16.49 -45.86
C SER H 16 21.04 16.56 -46.43
N LEU H 17 21.92 15.65 -46.00
CA LEU H 17 23.31 15.60 -46.47
C LEU H 17 23.42 14.60 -47.61
N LEU H 18 22.49 13.65 -47.62
CA LEU H 18 22.52 12.53 -48.55
C LEU H 18 22.63 12.95 -50.02
N PRO H 19 21.93 14.02 -50.44
CA PRO H 19 22.16 14.45 -51.83
C PRO H 19 23.59 14.91 -52.12
N PHE H 20 24.42 15.13 -51.10
CA PHE H 20 25.79 15.58 -51.37
C PHE H 20 26.77 14.43 -51.18
N ALA H 21 26.23 13.22 -50.97
CA ALA H 21 27.05 12.05 -50.67
C ALA H 21 27.98 11.74 -51.86
#